data_8QTV
#
_entry.id   8QTV
#
_cell.length_a   1.00
_cell.length_b   1.00
_cell.length_c   1.00
_cell.angle_alpha   90.00
_cell.angle_beta   90.00
_cell.angle_gamma   90.00
#
_symmetry.space_group_name_H-M   'P 1'
#
loop_
_entity.id
_entity.type
_entity.pdbx_description
1 polymer Mucin-5AC
2 non-polymer 'CALCIUM ION'
#
_entity_poly.entity_id   1
_entity_poly.type   'polypeptide(L)'
_entity_poly.pdbx_seq_one_letter_code
;DAAQPARRAVRSSRHHHHHHGSPVCAAPMVFFDCRNATPGDTGAGCQKSCHTLDMTCYSPQCVPGCVCPDGLVADGEGGC
ITAEDCPCVHNEASYRAGQTIRVGCNTCTCDSRMWRCTDDPCLATCAVYGDGHYLTFDGQSYSFNGDCEYTLVQNHCGGK
DSTQDSFRVVTENVPCGTTGTTCSKAIKIFLGGFELKLSHGKVEVIGTDESQEVPYTIRQMGIYLVVDTDIGLVLLWDKK
TSIFINLSPEFKGRVCGLCGNFDDIAVNDFATRSRSVVGDVLEFGNSWKLSPSCPDALAPKDPCTANPFRKSWAQKQCSI
LHGPTFAACHAHVEPARYYEACVNDACACDSGGDCECFCTAVAAYAQACHEVGLCVSWRTPSICPLFCDYYNPEGQCEWH
YQPCGVPCLRTCRNPRGDCLRDVRGLEGCYPKCPPEAPIFDEDKMQCVATCPTPPLPPRCHVHGKSYRPGAVVPSDKNCQ
SCLCTERGVECTYKAEACVCTYNGQRFHPGDVIYHTTDGTGGCISARCGANGTIERRVYPCSPTTPVPPTTFSFSTPPLV
VSSTHTPSNGPSSAHTGPPSSAWPTTAGTSPRTRLPTASASLPPVCGEKCLWSPWMDVSRPGRGTDSGDFDTLENLRAHG
YRVCESPRSVECRAEDAPGVPLRALGQRVQCSPDVGLTCRNREQASGLCYNYQIRVQCCTPLPCTSEQKLISEEDLSRKL
TR
;
_entity_poly.pdbx_strand_id   A,B
#
loop_
_chem_comp.id
_chem_comp.type
_chem_comp.name
_chem_comp.formula
CA non-polymer 'CALCIUM ION' 'Ca 2'
#
# COMPACT_ATOMS: atom_id res chain seq x y z
N CYS A 122 26.09 -5.66 -23.67
CA CYS A 122 25.10 -6.35 -24.49
C CYS A 122 24.09 -5.37 -25.08
N LEU A 123 23.17 -4.91 -24.24
CA LEU A 123 22.13 -3.98 -24.65
C LEU A 123 22.07 -2.81 -23.67
N ALA A 124 22.08 -1.60 -24.19
CA ALA A 124 21.99 -0.41 -23.36
C ALA A 124 20.54 -0.17 -22.92
N THR A 125 20.39 0.65 -21.89
CA THR A 125 19.07 0.94 -21.33
C THR A 125 19.01 2.40 -20.90
N CYS A 126 17.93 3.08 -21.28
CA CYS A 126 17.65 4.44 -20.84
C CYS A 126 16.46 4.39 -19.89
N ALA A 127 16.67 4.84 -18.66
CA ALA A 127 15.67 4.74 -17.60
C ALA A 127 15.21 6.13 -17.17
N VAL A 128 13.90 6.34 -17.17
CA VAL A 128 13.29 7.56 -16.68
C VAL A 128 12.29 7.17 -15.60
N TYR A 129 12.44 7.73 -14.41
CA TYR A 129 11.60 7.35 -13.28
C TYR A 129 11.56 8.50 -12.29
N GLY A 130 10.60 8.41 -11.36
CA GLY A 130 10.50 9.38 -10.28
C GLY A 130 10.17 10.78 -10.77
N ASP A 131 10.71 11.77 -10.06
CA ASP A 131 10.48 13.18 -10.39
C ASP A 131 11.67 13.68 -11.21
N GLY A 132 11.63 13.38 -12.50
CA GLY A 132 12.65 13.86 -13.42
C GLY A 132 14.03 13.27 -13.21
N HIS A 133 14.11 11.97 -12.96
CA HIS A 133 15.39 11.27 -12.86
C HIS A 133 15.66 10.54 -14.17
N TYR A 134 16.82 10.80 -14.77
CA TYR A 134 17.15 10.28 -16.07
C TYR A 134 18.47 9.51 -16.02
N LEU A 135 18.63 8.57 -16.94
CA LEU A 135 19.85 7.78 -17.06
C LEU A 135 20.08 7.52 -18.54
N THR A 136 21.15 8.09 -19.09
CA THR A 136 21.42 7.97 -20.51
C THR A 136 21.87 6.54 -20.86
N PHE A 137 21.91 6.26 -22.16
CA PHE A 137 22.35 4.94 -22.63
C PHE A 137 23.80 4.68 -22.25
N ASP A 138 24.66 5.70 -22.37
CA ASP A 138 26.07 5.54 -22.09
C ASP A 138 26.38 5.46 -20.60
N GLY A 139 25.42 5.77 -19.74
CA GLY A 139 25.60 5.68 -18.30
C GLY A 139 25.52 7.00 -17.56
N GLN A 140 25.45 8.13 -18.27
CA GLN A 140 25.36 9.41 -17.62
C GLN A 140 24.00 9.57 -16.93
N SER A 141 24.03 10.12 -15.72
CA SER A 141 22.83 10.35 -14.93
C SER A 141 22.72 11.81 -14.54
N TYR A 142 21.50 12.32 -14.49
CA TYR A 142 21.24 13.70 -14.14
C TYR A 142 19.79 13.83 -13.67
N SER A 143 19.39 15.06 -13.40
CA SER A 143 18.03 15.35 -12.96
C SER A 143 17.54 16.63 -13.62
N PHE A 144 16.29 16.62 -14.08
CA PHE A 144 15.70 17.77 -14.74
C PHE A 144 14.19 17.68 -14.66
N ASN A 145 13.55 18.81 -14.39
CA ASN A 145 12.09 18.87 -14.28
C ASN A 145 11.55 19.95 -15.22
N GLY A 146 10.45 19.63 -15.89
CA GLY A 146 9.83 20.55 -16.81
C GLY A 146 8.37 20.21 -17.00
N ASP A 147 7.64 21.15 -17.62
CA ASP A 147 6.20 21.00 -17.87
C ASP A 147 5.96 21.29 -19.35
N CYS A 148 6.13 20.26 -20.18
CA CYS A 148 5.91 20.33 -21.62
C CYS A 148 6.05 18.93 -22.17
N GLU A 149 6.02 18.81 -23.50
CA GLU A 149 6.26 17.55 -24.18
C GLU A 149 7.73 17.48 -24.59
N TYR A 150 8.41 16.41 -24.16
CA TYR A 150 9.83 16.23 -24.42
C TYR A 150 10.05 14.91 -25.16
N THR A 151 10.91 14.94 -26.17
CA THR A 151 11.20 13.77 -26.98
C THR A 151 12.35 12.99 -26.34
N LEU A 152 12.08 11.73 -26.00
CA LEU A 152 13.11 10.88 -25.39
C LEU A 152 14.09 10.36 -26.44
N VAL A 153 13.58 9.61 -27.41
CA VAL A 153 14.39 9.03 -28.46
C VAL A 153 13.76 9.36 -29.80
N GLN A 154 14.53 9.95 -30.70
CA GLN A 154 14.06 10.32 -32.03
C GLN A 154 15.01 9.72 -33.06
N ASN A 155 14.45 9.04 -34.05
CA ASN A 155 15.23 8.42 -35.11
C ASN A 155 15.44 9.39 -36.27
N HIS A 156 16.55 9.23 -36.98
CA HIS A 156 16.88 10.01 -38.17
C HIS A 156 16.92 11.51 -37.83
N CYS A 157 17.91 11.85 -37.01
CA CYS A 157 18.12 13.24 -36.63
C CYS A 157 18.37 14.10 -37.85
N GLY A 158 17.68 15.24 -37.93
CA GLY A 158 17.80 16.08 -39.09
C GLY A 158 17.07 15.49 -40.29
N GLY A 159 17.52 15.92 -41.48
CA GLY A 159 16.96 15.46 -42.72
C GLY A 159 17.56 14.19 -43.29
N LYS A 160 18.47 13.55 -42.56
CA LYS A 160 19.12 12.35 -43.05
C LYS A 160 18.22 11.14 -42.84
N ASP A 161 17.73 10.55 -43.92
CA ASP A 161 16.91 9.35 -43.89
C ASP A 161 17.72 8.21 -44.49
N SER A 162 18.23 7.33 -43.63
CA SER A 162 19.07 6.23 -44.08
C SER A 162 18.24 4.99 -44.42
N THR A 163 17.20 5.18 -45.23
CA THR A 163 16.35 4.08 -45.70
C THR A 163 15.81 3.25 -44.54
N GLN A 164 15.39 3.94 -43.48
CA GLN A 164 14.82 3.28 -42.31
C GLN A 164 13.60 4.04 -41.84
N ASP A 165 12.73 3.35 -41.10
CA ASP A 165 11.56 4.00 -40.53
C ASP A 165 11.97 4.87 -39.34
N SER A 166 11.31 6.01 -39.20
CA SER A 166 11.62 6.97 -38.15
C SER A 166 10.62 6.78 -37.00
N PHE A 167 11.15 6.52 -35.80
CA PHE A 167 10.33 6.37 -34.61
C PHE A 167 10.58 7.54 -33.67
N ARG A 168 9.52 7.99 -33.00
CA ARG A 168 9.60 9.14 -32.10
C ARG A 168 8.73 8.86 -30.88
N VAL A 169 9.34 8.94 -29.70
CA VAL A 169 8.63 8.72 -28.44
C VAL A 169 8.73 10.01 -27.62
N VAL A 170 7.59 10.48 -27.14
CA VAL A 170 7.52 11.70 -26.35
C VAL A 170 6.78 11.41 -25.05
N THR A 171 7.08 12.21 -24.03
CA THR A 171 6.46 12.06 -22.72
C THR A 171 5.79 13.36 -22.32
N GLU A 172 4.69 13.24 -21.57
CA GLU A 172 3.95 14.38 -21.07
C GLU A 172 4.16 14.47 -19.57
N ASN A 173 4.63 15.64 -19.11
CA ASN A 173 4.90 15.88 -17.70
C ASN A 173 3.93 16.90 -17.14
N VAL A 174 3.42 16.64 -15.95
CA VAL A 174 2.50 17.54 -15.27
C VAL A 174 3.01 17.82 -13.87
N PRO A 175 2.74 19.00 -13.30
CA PRO A 175 3.24 19.29 -11.94
C PRO A 175 2.52 18.48 -10.87
N CYS A 176 3.22 17.52 -10.28
CA CYS A 176 2.67 16.68 -9.22
C CYS A 176 3.32 17.09 -7.91
N GLY A 177 2.49 17.46 -6.93
CA GLY A 177 2.98 17.91 -5.65
C GLY A 177 2.77 19.39 -5.43
N THR A 178 3.60 19.99 -4.58
CA THR A 178 3.50 21.43 -4.29
C THR A 178 4.83 22.16 -4.35
N THR A 179 5.95 21.47 -4.24
CA THR A 179 7.25 22.15 -4.32
C THR A 179 7.51 22.67 -5.72
N GLY A 180 7.16 21.89 -6.74
CA GLY A 180 7.38 22.29 -8.11
C GLY A 180 7.90 21.17 -8.98
N THR A 181 8.02 19.98 -8.41
CA THR A 181 8.50 18.84 -9.16
C THR A 181 7.46 18.37 -10.16
N THR A 182 7.93 17.71 -11.22
CA THR A 182 7.08 17.21 -12.29
C THR A 182 7.36 15.74 -12.53
N CYS A 183 6.31 15.00 -12.88
CA CYS A 183 6.40 13.58 -13.16
C CYS A 183 5.66 13.26 -14.45
N SER A 184 6.11 12.21 -15.12
CA SER A 184 5.49 11.80 -16.37
C SER A 184 4.08 11.28 -16.14
N LYS A 185 3.16 11.63 -17.04
CA LYS A 185 1.77 11.20 -16.94
C LYS A 185 1.33 10.36 -18.14
N ALA A 186 1.63 10.81 -19.35
CA ALA A 186 1.24 10.09 -20.56
C ALA A 186 2.44 9.98 -21.50
N ILE A 187 2.45 8.92 -22.29
CA ILE A 187 3.52 8.65 -23.24
C ILE A 187 2.90 8.39 -24.61
N LYS A 188 3.38 9.10 -25.62
CA LYS A 188 2.92 8.95 -26.99
C LYS A 188 4.04 8.38 -27.86
N ILE A 189 3.70 7.39 -28.67
CA ILE A 189 4.65 6.71 -29.55
C ILE A 189 4.24 6.97 -30.99
N PHE A 190 5.19 7.43 -31.80
CA PHE A 190 4.95 7.71 -33.21
C PHE A 190 5.93 6.90 -34.05
N LEU A 191 5.40 6.04 -34.91
CA LEU A 191 6.22 5.27 -35.83
C LEU A 191 5.35 4.75 -36.96
N GLY A 192 5.87 4.80 -38.19
CA GLY A 192 5.15 4.31 -39.34
C GLY A 192 3.78 4.93 -39.54
N GLY A 193 3.59 6.17 -39.09
CA GLY A 193 2.29 6.79 -39.17
C GLY A 193 1.29 6.30 -38.14
N PHE A 194 1.73 5.52 -37.16
CA PHE A 194 0.87 4.97 -36.13
C PHE A 194 1.11 5.72 -34.82
N GLU A 195 0.02 6.14 -34.18
CA GLU A 195 0.09 6.88 -32.92
C GLU A 195 -0.53 6.04 -31.81
N LEU A 196 0.23 5.86 -30.73
CA LEU A 196 -0.22 5.09 -29.58
C LEU A 196 -0.15 5.96 -28.33
N LYS A 197 -1.16 5.85 -27.49
CA LYS A 197 -1.24 6.62 -26.25
C LYS A 197 -1.32 5.68 -25.06
N LEU A 198 -0.57 5.99 -24.01
CA LEU A 198 -0.51 5.19 -22.79
C LEU A 198 -0.89 6.09 -21.62
N SER A 199 -2.17 6.10 -21.27
CA SER A 199 -2.68 6.91 -20.17
C SER A 199 -3.64 6.07 -19.33
N HIS A 200 -3.63 6.32 -18.01
CA HIS A 200 -4.50 5.64 -17.06
C HIS A 200 -4.33 4.13 -17.10
N GLY A 201 -3.12 3.66 -17.43
CA GLY A 201 -2.84 2.24 -17.45
C GLY A 201 -3.47 1.47 -18.60
N LYS A 202 -3.98 2.15 -19.61
CA LYS A 202 -4.59 1.50 -20.76
C LYS A 202 -3.93 1.98 -22.04
N VAL A 203 -4.04 1.15 -23.08
CA VAL A 203 -3.46 1.45 -24.38
C VAL A 203 -4.57 1.91 -25.32
N GLU A 204 -4.38 3.08 -25.93
CA GLU A 204 -5.34 3.63 -26.88
C GLU A 204 -4.61 3.97 -28.17
N VAL A 205 -5.14 3.48 -29.29
CA VAL A 205 -4.55 3.71 -30.60
C VAL A 205 -5.35 4.78 -31.33
N ILE A 206 -4.64 5.77 -31.87
CA ILE A 206 -5.29 6.87 -32.58
C ILE A 206 -4.86 6.82 -34.05
N GLY A 207 -3.56 6.91 -34.30
CA GLY A 207 -3.06 6.85 -35.66
C GLY A 207 -3.20 5.48 -36.28
N THR A 208 -4.11 5.36 -37.24
CA THR A 208 -4.39 4.09 -37.91
C THR A 208 -4.10 4.24 -39.40
N ASP A 209 -3.35 3.30 -39.95
CA ASP A 209 -3.02 3.27 -41.37
C ASP A 209 -3.53 1.97 -41.97
N GLU A 210 -4.29 2.08 -43.05
CA GLU A 210 -4.86 0.91 -43.73
C GLU A 210 -3.90 0.37 -44.79
N SER A 211 -2.66 0.12 -44.41
CA SER A 211 -1.65 -0.39 -45.31
C SER A 211 -0.51 -0.99 -44.49
N GLN A 212 0.37 -1.70 -45.19
CA GLN A 212 1.56 -2.32 -44.59
C GLN A 212 1.08 -3.31 -43.53
N GLU A 213 1.60 -3.27 -42.31
CA GLU A 213 1.23 -4.21 -41.27
C GLU A 213 1.56 -3.60 -39.91
N VAL A 214 0.72 -3.89 -38.92
CA VAL A 214 0.92 -3.37 -37.57
C VAL A 214 2.23 -3.90 -37.03
N PRO A 215 3.18 -3.04 -36.65
CA PRO A 215 4.49 -3.50 -36.18
C PRO A 215 4.65 -3.62 -34.66
N TYR A 216 3.60 -3.35 -33.89
CA TYR A 216 3.69 -3.37 -32.44
C TYR A 216 2.84 -4.49 -31.86
N THR A 217 3.34 -5.11 -30.80
CA THR A 217 2.63 -6.17 -30.09
C THR A 217 2.54 -5.78 -28.62
N ILE A 218 1.37 -6.00 -28.02
CA ILE A 218 1.12 -5.64 -26.63
C ILE A 218 1.16 -6.90 -25.77
N ARG A 219 1.98 -6.88 -24.73
CA ARG A 219 2.10 -8.00 -23.81
C ARG A 219 2.01 -7.49 -22.38
N GLN A 220 1.52 -8.35 -21.49
CA GLN A 220 1.35 -8.03 -20.08
C GLN A 220 2.12 -9.07 -19.27
N MET A 221 3.37 -8.74 -18.93
CA MET A 221 4.23 -9.61 -18.15
C MET A 221 4.49 -8.97 -16.79
N GLY A 222 4.13 -9.69 -15.73
CA GLY A 222 4.31 -9.16 -14.39
C GLY A 222 3.50 -7.89 -14.18
N ILE A 223 4.15 -6.87 -13.61
CA ILE A 223 3.51 -5.59 -13.38
C ILE A 223 3.80 -4.58 -14.49
N TYR A 224 4.65 -4.92 -15.44
CA TYR A 224 5.02 -4.01 -16.52
C TYR A 224 4.14 -4.25 -17.75
N LEU A 225 4.00 -3.20 -18.55
CA LEU A 225 3.25 -3.26 -19.81
C LEU A 225 4.27 -3.25 -20.94
N VAL A 226 4.68 -4.43 -21.37
CA VAL A 226 5.75 -4.59 -22.35
C VAL A 226 5.17 -4.52 -23.75
N VAL A 227 5.74 -3.63 -24.57
CA VAL A 227 5.40 -3.53 -25.98
C VAL A 227 6.66 -3.84 -26.79
N ASP A 228 6.47 -4.51 -27.92
CA ASP A 228 7.59 -4.95 -28.76
C ASP A 228 7.38 -4.48 -30.18
N THR A 229 8.46 -4.04 -30.81
CA THR A 229 8.45 -3.59 -32.19
C THR A 229 9.44 -4.42 -33.00
N ASP A 230 9.14 -4.59 -34.29
CA ASP A 230 9.99 -5.40 -35.16
C ASP A 230 11.30 -4.72 -35.50
N ILE A 231 11.37 -3.39 -35.37
CA ILE A 231 12.61 -2.68 -35.70
C ILE A 231 13.71 -3.00 -34.70
N GLY A 232 13.35 -3.27 -33.44
CA GLY A 232 14.33 -3.61 -32.44
C GLY A 232 14.31 -2.69 -31.24
N LEU A 233 13.18 -2.03 -31.00
CA LEU A 233 13.00 -1.11 -29.89
C LEU A 233 11.82 -1.57 -29.05
N VAL A 234 12.04 -1.70 -27.74
CA VAL A 234 11.01 -2.14 -26.82
C VAL A 234 10.87 -1.12 -25.69
N LEU A 235 9.75 -1.19 -24.99
CA LEU A 235 9.47 -0.30 -23.87
C LEU A 235 8.93 -1.10 -22.69
N LEU A 236 9.29 -0.65 -21.49
CA LEU A 236 8.82 -1.26 -20.25
C LEU A 236 8.12 -0.18 -19.43
N TRP A 237 6.80 -0.23 -19.40
CA TRP A 237 5.98 0.76 -18.71
C TRP A 237 5.31 0.14 -17.50
N ASP A 238 5.47 0.78 -16.34
CA ASP A 238 4.85 0.32 -15.11
C ASP A 238 3.44 0.84 -14.94
N LYS A 239 2.93 1.61 -15.91
CA LYS A 239 1.60 2.20 -15.94
C LYS A 239 1.40 3.31 -14.91
N LYS A 240 2.42 3.64 -14.11
CA LYS A 240 2.27 4.70 -13.12
C LYS A 240 3.16 5.89 -13.38
N THR A 241 4.49 5.74 -13.35
CA THR A 241 5.36 6.88 -13.53
C THR A 241 6.54 6.61 -14.46
N SER A 242 7.15 5.43 -14.34
CA SER A 242 8.44 5.19 -14.96
C SER A 242 8.29 4.50 -16.31
N ILE A 243 9.38 4.53 -17.08
CA ILE A 243 9.42 3.92 -18.41
C ILE A 243 10.87 3.55 -18.71
N PHE A 244 11.08 2.33 -19.20
CA PHE A 244 12.41 1.84 -19.54
C PHE A 244 12.49 1.60 -21.04
N ILE A 245 13.60 2.03 -21.63
CA ILE A 245 13.82 1.95 -23.08
C ILE A 245 15.03 1.06 -23.33
N ASN A 246 14.88 0.10 -24.24
CA ASN A 246 15.96 -0.77 -24.67
C ASN A 246 16.13 -0.65 -26.16
N LEU A 247 17.38 -0.44 -26.60
CA LEU A 247 17.69 -0.23 -28.01
C LEU A 247 18.69 -1.26 -28.49
N SER A 248 18.54 -1.69 -29.74
CA SER A 248 19.45 -2.65 -30.33
C SER A 248 20.80 -2.00 -30.62
N PRO A 249 21.89 -2.78 -30.60
CA PRO A 249 23.21 -2.21 -30.90
C PRO A 249 23.35 -1.70 -32.32
N GLU A 250 22.45 -2.10 -33.23
CA GLU A 250 22.56 -1.65 -34.62
C GLU A 250 22.34 -0.15 -34.76
N PHE A 251 21.62 0.47 -33.81
CA PHE A 251 21.34 1.89 -33.83
C PHE A 251 22.42 2.71 -33.12
N LYS A 252 23.65 2.20 -33.05
CA LYS A 252 24.72 2.91 -32.36
C LYS A 252 25.15 4.12 -33.19
N GLY A 253 25.22 5.27 -32.52
CA GLY A 253 25.68 6.49 -33.17
C GLY A 253 24.72 7.07 -34.18
N ARG A 254 23.42 6.74 -34.08
CA ARG A 254 22.45 7.27 -35.03
C ARG A 254 21.14 7.69 -34.34
N VAL A 255 21.15 7.85 -33.02
CA VAL A 255 19.96 8.21 -32.26
C VAL A 255 20.30 9.40 -31.37
N CYS A 256 19.46 10.44 -31.43
CA CYS A 256 19.63 11.61 -30.60
C CYS A 256 18.33 11.90 -29.86
N GLY A 257 18.46 12.50 -28.68
CA GLY A 257 17.30 12.82 -27.88
C GLY A 257 17.72 13.06 -26.43
N LEU A 258 16.72 12.98 -25.55
CA LEU A 258 16.98 13.18 -24.12
C LEU A 258 17.82 12.05 -23.53
N CYS A 259 17.85 10.88 -24.17
CA CYS A 259 18.66 9.78 -23.70
C CYS A 259 20.12 9.87 -24.16
N GLY A 260 20.46 10.88 -24.94
CA GLY A 260 21.82 11.06 -25.40
C GLY A 260 22.15 10.21 -26.62
N ASN A 261 23.24 10.58 -27.28
CA ASN A 261 23.69 9.84 -28.45
C ASN A 261 24.31 8.51 -28.03
N PHE A 262 23.90 7.43 -28.69
CA PHE A 262 24.40 6.10 -28.37
C PHE A 262 25.79 5.93 -29.01
N ASP A 263 26.80 6.41 -28.29
CA ASP A 263 28.18 6.34 -28.77
C ASP A 263 29.14 5.80 -27.71
N ASP A 264 28.62 5.21 -26.63
CA ASP A 264 29.42 4.62 -25.56
C ASP A 264 30.34 5.63 -24.88
N ILE A 265 30.01 6.92 -24.96
CA ILE A 265 30.78 7.98 -24.33
C ILE A 265 29.84 8.74 -23.41
N ALA A 266 30.20 8.82 -22.13
CA ALA A 266 29.34 9.43 -21.12
C ALA A 266 29.61 10.92 -20.91
N VAL A 267 30.52 11.51 -21.69
CA VAL A 267 30.84 12.93 -21.54
C VAL A 267 30.28 13.79 -22.66
N ASN A 268 29.79 13.19 -23.75
CA ASN A 268 29.23 13.95 -24.87
C ASN A 268 27.73 13.70 -25.02
N ASP A 269 27.05 13.40 -23.92
CA ASP A 269 25.62 13.12 -23.93
C ASP A 269 24.77 14.37 -23.72
N PHE A 270 25.29 15.55 -24.09
CA PHE A 270 24.55 16.78 -23.88
C PHE A 270 24.36 17.54 -25.19
N ALA A 271 23.97 16.83 -26.24
CA ALA A 271 23.70 17.45 -27.53
C ALA A 271 22.36 18.18 -27.46
N THR A 272 22.42 19.52 -27.43
CA THR A 272 21.21 20.32 -27.26
C THR A 272 20.50 20.56 -28.59
N ARG A 273 20.21 19.49 -29.32
CA ARG A 273 19.44 19.48 -30.56
C ARG A 273 20.14 20.24 -31.70
N SER A 274 21.32 20.82 -31.46
CA SER A 274 22.05 21.55 -32.48
C SER A 274 23.46 21.02 -32.67
N ARG A 275 23.70 19.76 -32.28
CA ARG A 275 25.02 19.13 -32.39
C ARG A 275 26.08 19.94 -31.65
N SER A 276 25.70 20.51 -30.51
CA SER A 276 26.60 21.30 -29.68
C SER A 276 26.48 20.83 -28.24
N VAL A 277 27.58 20.36 -27.67
CA VAL A 277 27.59 19.86 -26.30
C VAL A 277 27.69 21.05 -25.35
N VAL A 278 26.72 21.17 -24.45
CA VAL A 278 26.67 22.24 -23.47
C VAL A 278 26.58 21.62 -22.08
N GLY A 279 27.45 22.08 -21.17
CA GLY A 279 27.46 21.56 -19.82
C GLY A 279 26.24 21.93 -19.00
N ASP A 280 25.47 22.92 -19.42
CA ASP A 280 24.28 23.34 -18.68
C ASP A 280 23.19 22.28 -18.84
N VAL A 281 22.93 21.53 -17.77
CA VAL A 281 21.91 20.50 -17.81
C VAL A 281 20.53 21.11 -18.03
N LEU A 282 20.26 22.26 -17.38
CA LEU A 282 18.98 22.92 -17.55
C LEU A 282 18.77 23.36 -18.99
N GLU A 283 19.80 23.97 -19.60
CA GLU A 283 19.69 24.39 -20.99
C GLU A 283 19.54 23.20 -21.93
N PHE A 284 20.27 22.12 -21.66
CA PHE A 284 20.16 20.92 -22.49
C PHE A 284 18.75 20.33 -22.41
N GLY A 285 18.16 20.33 -21.22
CA GLY A 285 16.79 19.84 -21.08
C GLY A 285 15.78 20.75 -21.74
N ASN A 286 15.97 22.07 -21.63
CA ASN A 286 15.01 23.01 -22.21
C ASN A 286 15.11 23.06 -23.72
N SER A 287 16.26 22.71 -24.29
CA SER A 287 16.43 22.75 -25.75
C SER A 287 15.66 21.64 -26.46
N TRP A 288 15.12 20.66 -25.72
CA TRP A 288 14.43 19.54 -26.32
C TRP A 288 12.92 19.66 -26.21
N LYS A 289 12.40 20.85 -25.88
CA LYS A 289 10.96 21.03 -25.78
C LYS A 289 10.31 20.95 -27.15
N LEU A 290 9.10 20.38 -27.19
CA LEU A 290 8.39 20.24 -28.46
C LEU A 290 7.64 21.53 -28.81
N SER A 291 6.71 21.94 -27.96
CA SER A 291 5.93 23.14 -28.22
C SER A 291 6.74 24.38 -27.87
N PRO A 292 6.95 25.31 -28.80
CA PRO A 292 7.72 26.52 -28.47
C PRO A 292 7.03 27.41 -27.46
N SER A 293 5.72 27.28 -27.26
CA SER A 293 4.99 28.11 -26.33
C SER A 293 5.11 27.65 -24.88
N CYS A 294 5.76 26.51 -24.64
CA CYS A 294 5.90 26.02 -23.28
C CYS A 294 6.83 26.94 -22.47
N PRO A 295 6.53 27.17 -21.19
CA PRO A 295 7.43 27.97 -20.37
C PRO A 295 8.77 27.28 -20.15
N ASP A 296 9.81 28.08 -20.03
CA ASP A 296 11.15 27.54 -19.82
C ASP A 296 11.29 27.00 -18.39
N ALA A 297 11.97 25.87 -18.27
CA ALA A 297 12.16 25.25 -16.97
C ALA A 297 13.14 26.04 -16.12
N LEU A 298 12.99 25.94 -14.81
CA LEU A 298 13.85 26.63 -13.86
C LEU A 298 14.46 25.62 -12.88
N ALA A 299 15.44 26.08 -12.13
CA ALA A 299 16.11 25.22 -11.16
C ALA A 299 15.16 24.86 -10.03
N PRO A 300 15.15 23.61 -9.58
CA PRO A 300 14.27 23.20 -8.49
C PRO A 300 14.88 23.48 -7.12
N LYS A 301 14.05 23.37 -6.11
CA LYS A 301 14.45 23.59 -4.72
C LYS A 301 14.66 22.25 -4.04
N ASP A 302 14.90 22.29 -2.73
CA ASP A 302 15.09 21.07 -1.95
C ASP A 302 13.77 20.68 -1.31
N PRO A 303 13.15 19.57 -1.70
CA PRO A 303 11.88 19.18 -1.07
C PRO A 303 12.01 18.89 0.42
N CYS A 304 13.14 18.31 0.84
CA CYS A 304 13.33 18.02 2.26
C CYS A 304 13.43 19.30 3.07
N THR A 305 14.12 20.31 2.55
CA THR A 305 14.19 21.60 3.23
C THR A 305 12.83 22.29 3.22
N ALA A 306 12.09 22.16 2.11
CA ALA A 306 10.76 22.78 2.04
C ALA A 306 9.80 22.15 3.04
N ASN A 307 9.89 20.85 3.24
CA ASN A 307 9.03 20.11 4.17
C ASN A 307 9.92 19.36 5.15
N PRO A 308 10.39 20.03 6.20
CA PRO A 308 11.30 19.37 7.15
C PRO A 308 10.62 18.39 8.09
N PHE A 309 9.29 18.32 8.10
CA PHE A 309 8.58 17.42 9.00
C PHE A 309 8.40 16.01 8.45
N ARG A 310 8.93 15.74 7.25
CA ARG A 310 8.89 14.41 6.67
C ARG A 310 10.27 13.79 6.49
N LYS A 311 11.33 14.46 6.92
CA LYS A 311 12.68 13.95 6.70
C LYS A 311 12.92 12.65 7.46
N SER A 312 12.47 12.58 8.71
CA SER A 312 12.68 11.37 9.50
C SER A 312 11.95 10.18 8.91
N TRP A 313 10.68 10.36 8.53
CA TRP A 313 9.92 9.28 7.91
C TRP A 313 10.53 8.87 6.59
N ALA A 314 10.97 9.84 5.78
CA ALA A 314 11.60 9.52 4.50
C ALA A 314 12.87 8.71 4.69
N GLN A 315 13.71 9.11 5.65
CA GLN A 315 14.94 8.37 5.92
C GLN A 315 14.64 6.96 6.43
N LYS A 316 13.67 6.84 7.33
CA LYS A 316 13.33 5.53 7.87
C LYS A 316 12.80 4.61 6.77
N GLN A 317 12.03 5.15 5.83
CA GLN A 317 11.50 4.32 4.75
C GLN A 317 12.58 3.95 3.75
N CYS A 318 13.44 4.91 3.38
CA CYS A 318 14.44 4.65 2.36
C CYS A 318 15.70 3.98 2.91
N SER A 319 15.78 3.75 4.22
CA SER A 319 16.92 3.03 4.78
C SER A 319 16.98 1.58 4.33
N ILE A 320 15.91 1.05 3.74
CA ILE A 320 15.91 -0.33 3.26
C ILE A 320 16.94 -0.54 2.16
N LEU A 321 17.31 0.52 1.43
CA LEU A 321 18.30 0.39 0.38
C LEU A 321 19.68 0.05 0.95
N HIS A 322 20.01 0.60 2.12
CA HIS A 322 21.28 0.34 2.77
C HIS A 322 21.24 -0.87 3.69
N GLY A 323 20.12 -1.58 3.77
CA GLY A 323 20.01 -2.72 4.63
C GLY A 323 20.67 -3.95 4.05
N PRO A 324 20.62 -5.05 4.80
CA PRO A 324 21.25 -6.29 4.35
C PRO A 324 20.50 -6.98 3.21
N THR A 325 19.30 -6.51 2.85
CA THR A 325 18.55 -7.15 1.78
C THR A 325 19.26 -7.02 0.44
N PHE A 326 19.84 -5.85 0.17
CA PHE A 326 20.52 -5.58 -1.10
C PHE A 326 22.02 -5.71 -0.97
N ALA A 327 22.49 -6.67 -0.17
CA ALA A 327 23.93 -6.86 -0.01
C ALA A 327 24.57 -7.29 -1.32
N ALA A 328 23.90 -8.17 -2.07
CA ALA A 328 24.44 -8.58 -3.37
C ALA A 328 24.47 -7.41 -4.35
N CYS A 329 23.43 -6.58 -4.34
CA CYS A 329 23.40 -5.43 -5.25
C CYS A 329 24.44 -4.38 -4.87
N HIS A 330 24.81 -4.31 -3.58
CA HIS A 330 25.80 -3.32 -3.15
C HIS A 330 27.16 -3.57 -3.81
N ALA A 331 27.46 -4.81 -4.17
CA ALA A 331 28.75 -5.14 -4.76
C ALA A 331 28.81 -4.85 -6.26
N HIS A 332 27.71 -4.48 -6.89
CA HIS A 332 27.68 -4.22 -8.32
C HIS A 332 27.19 -2.83 -8.68
N VAL A 333 26.17 -2.32 -8.00
CA VAL A 333 25.59 -1.02 -8.30
C VAL A 333 25.65 -0.16 -7.05
N GLU A 334 26.19 1.04 -7.19
CA GLU A 334 26.28 1.97 -6.06
C GLU A 334 24.88 2.48 -5.72
N PRO A 335 24.43 2.35 -4.47
CA PRO A 335 23.07 2.77 -4.11
C PRO A 335 22.97 4.19 -3.57
N ALA A 336 24.05 4.98 -3.59
CA ALA A 336 23.99 6.33 -3.05
C ALA A 336 23.05 7.20 -3.86
N ARG A 337 23.17 7.16 -5.19
CA ARG A 337 22.28 7.96 -6.04
C ARG A 337 20.83 7.53 -5.88
N TYR A 338 20.58 6.22 -5.82
CA TYR A 338 19.21 5.74 -5.66
C TYR A 338 18.67 6.09 -4.28
N TYR A 339 19.52 6.06 -3.25
CA TYR A 339 19.07 6.46 -1.92
C TYR A 339 18.71 7.93 -1.89
N GLU A 340 19.54 8.78 -2.52
CA GLU A 340 19.21 10.20 -2.59
C GLU A 340 17.92 10.44 -3.37
N ALA A 341 17.72 9.69 -4.45
CA ALA A 341 16.49 9.81 -5.21
C ALA A 341 15.27 9.40 -4.37
N CYS A 342 15.41 8.32 -3.60
CA CYS A 342 14.32 7.89 -2.72
C CYS A 342 14.00 8.97 -1.69
N VAL A 343 15.03 9.56 -1.08
CA VAL A 343 14.82 10.59 -0.07
C VAL A 343 14.13 11.80 -0.68
N ASN A 344 14.60 12.24 -1.86
CA ASN A 344 14.02 13.40 -2.51
C ASN A 344 12.57 13.13 -2.91
N ASP A 345 12.29 11.95 -3.45
CA ASP A 345 10.92 11.63 -3.85
C ASP A 345 9.99 11.57 -2.65
N ALA A 346 10.44 10.96 -1.55
CA ALA A 346 9.61 10.90 -0.35
C ALA A 346 9.39 12.27 0.25
N CYS A 347 10.38 13.16 0.14
CA CYS A 347 10.19 14.53 0.62
C CYS A 347 9.26 15.32 -0.28
N ALA A 348 9.24 15.02 -1.58
CA ALA A 348 8.44 15.78 -2.53
C ALA A 348 7.04 15.21 -2.74
N CYS A 349 6.89 13.88 -2.66
CA CYS A 349 5.60 13.25 -2.90
C CYS A 349 4.65 13.49 -1.73
N ASP A 350 4.20 14.74 -1.59
CA ASP A 350 3.34 15.13 -0.47
C ASP A 350 1.94 15.52 -0.90
N SER A 351 1.57 15.25 -2.15
CA SER A 351 0.25 15.58 -2.66
C SER A 351 -0.78 14.47 -2.42
N GLY A 352 -0.38 13.39 -1.75
CA GLY A 352 -1.29 12.29 -1.50
C GLY A 352 -0.88 11.03 -2.24
N GLY A 353 -0.42 10.02 -1.50
CA GLY A 353 0.01 8.78 -2.12
C GLY A 353 1.52 8.62 -2.15
N ASP A 354 2.20 9.00 -1.07
CA ASP A 354 3.64 8.85 -0.99
C ASP A 354 4.07 7.39 -1.03
N CYS A 355 3.18 6.47 -0.67
CA CYS A 355 3.52 5.05 -0.72
C CYS A 355 3.83 4.62 -2.14
N GLU A 356 3.05 5.09 -3.12
CA GLU A 356 3.32 4.75 -4.52
C GLU A 356 4.66 5.32 -4.97
N CYS A 357 4.96 6.56 -4.57
CA CYS A 357 6.24 7.16 -4.93
C CYS A 357 7.41 6.36 -4.36
N PHE A 358 7.30 5.96 -3.08
CA PHE A 358 8.36 5.18 -2.46
C PHE A 358 8.50 3.80 -3.13
N CYS A 359 7.37 3.17 -3.45
CA CYS A 359 7.42 1.87 -4.12
C CYS A 359 8.09 1.98 -5.49
N THR A 360 7.76 3.01 -6.26
CA THR A 360 8.40 3.21 -7.56
C THR A 360 9.89 3.48 -7.40
N ALA A 361 10.26 4.29 -6.40
CA ALA A 361 11.67 4.58 -6.18
C ALA A 361 12.45 3.32 -5.84
N VAL A 362 11.87 2.45 -5.01
CA VAL A 362 12.55 1.20 -4.67
C VAL A 362 12.60 0.26 -5.88
N ALA A 363 11.49 0.19 -6.63
CA ALA A 363 11.43 -0.72 -7.77
C ALA A 363 12.40 -0.30 -8.87
N ALA A 364 12.72 0.98 -8.97
CA ALA A 364 13.73 1.41 -9.93
C ALA A 364 15.07 0.74 -9.66
N TYR A 365 15.55 0.83 -8.42
CA TYR A 365 16.80 0.17 -8.06
C TYR A 365 16.67 -1.35 -8.13
N ALA A 366 15.49 -1.89 -7.82
CA ALA A 366 15.29 -3.33 -7.92
C ALA A 366 15.48 -3.80 -9.35
N GLN A 367 14.88 -3.10 -10.31
CA GLN A 367 15.04 -3.46 -11.72
C GLN A 367 16.46 -3.23 -12.19
N ALA A 368 17.10 -2.16 -11.69
CA ALA A 368 18.50 -1.90 -12.05
C ALA A 368 19.40 -3.06 -11.60
N CYS A 369 19.17 -3.58 -10.40
CA CYS A 369 19.96 -4.72 -9.94
C CYS A 369 19.58 -6.00 -10.68
N HIS A 370 18.30 -6.14 -11.04
CA HIS A 370 17.87 -7.33 -11.78
C HIS A 370 18.47 -7.36 -13.18
N GLU A 371 18.73 -6.19 -13.77
CA GLU A 371 19.31 -6.15 -15.10
C GLU A 371 20.71 -6.74 -15.13
N VAL A 372 21.42 -6.70 -14.00
CA VAL A 372 22.78 -7.24 -13.94
C VAL A 372 22.77 -8.74 -14.19
N GLY A 373 21.80 -9.45 -13.61
CA GLY A 373 21.71 -10.89 -13.81
C GLY A 373 21.26 -11.64 -12.56
N LEU A 374 21.48 -11.04 -11.40
CA LEU A 374 21.08 -11.65 -10.13
C LEU A 374 19.80 -11.00 -9.62
N CYS A 375 18.93 -11.81 -9.02
CA CYS A 375 17.65 -11.35 -8.52
C CYS A 375 17.61 -11.47 -7.00
N VAL A 376 16.97 -10.49 -6.36
CA VAL A 376 16.85 -10.45 -4.91
C VAL A 376 15.39 -10.13 -4.57
N SER A 377 14.83 -10.86 -3.60
CA SER A 377 13.46 -10.66 -3.15
C SER A 377 13.45 -9.59 -2.07
N TRP A 378 12.73 -8.50 -2.31
CA TRP A 378 12.66 -7.39 -1.37
C TRP A 378 11.24 -7.06 -0.91
N ARG A 379 10.22 -7.64 -1.54
CA ARG A 379 8.85 -7.30 -1.17
C ARG A 379 8.50 -7.89 0.19
N THR A 380 7.53 -7.25 0.85
CA THR A 380 7.12 -7.58 2.20
C THR A 380 5.65 -7.22 2.33
N PRO A 381 4.84 -8.05 3.00
CA PRO A 381 3.42 -7.72 3.17
C PRO A 381 3.17 -6.36 3.80
N SER A 382 4.17 -5.75 4.45
CA SER A 382 4.06 -4.41 4.97
C SER A 382 4.82 -3.38 4.15
N ILE A 383 5.60 -3.81 3.16
CA ILE A 383 6.40 -2.92 2.33
C ILE A 383 6.08 -3.21 0.88
N CYS A 384 5.24 -2.36 0.27
CA CYS A 384 4.84 -2.47 -1.13
C CYS A 384 4.30 -3.86 -1.46
N PRO A 385 3.11 -4.21 -0.96
CA PRO A 385 2.56 -5.54 -1.23
C PRO A 385 1.81 -5.62 -2.56
N LEU A 386 1.68 -6.85 -3.05
CA LEU A 386 0.94 -7.14 -4.26
C LEU A 386 -0.11 -8.21 -3.95
N PHE A 387 -1.29 -8.06 -4.56
CA PHE A 387 -2.41 -8.97 -4.34
C PHE A 387 -2.43 -9.98 -5.49
N CYS A 388 -1.53 -10.96 -5.42
CA CYS A 388 -1.46 -11.98 -6.45
C CYS A 388 -2.67 -12.92 -6.40
N ASP A 389 -3.36 -13.01 -5.27
CA ASP A 389 -4.50 -13.91 -5.14
C ASP A 389 -5.75 -13.37 -5.80
N TYR A 390 -5.78 -12.09 -6.18
CA TYR A 390 -6.97 -11.51 -6.79
C TYR A 390 -7.28 -12.17 -8.14
N TYR A 391 -6.23 -12.47 -8.92
CA TYR A 391 -6.43 -13.07 -10.23
C TYR A 391 -6.81 -14.54 -10.14
N ASN A 392 -6.61 -15.17 -8.98
CA ASN A 392 -6.94 -16.58 -8.85
C ASN A 392 -8.45 -16.77 -8.84
N PRO A 393 -9.00 -17.64 -9.68
CA PRO A 393 -10.45 -17.89 -9.66
C PRO A 393 -10.85 -18.67 -8.41
N GLU A 394 -12.17 -18.78 -8.22
CA GLU A 394 -12.70 -19.47 -7.06
C GLU A 394 -12.38 -20.95 -7.13
N GLY A 395 -11.82 -21.49 -6.05
CA GLY A 395 -11.48 -22.90 -5.97
C GLY A 395 -10.19 -23.29 -6.65
N GLN A 396 -9.46 -22.35 -7.23
CA GLN A 396 -8.22 -22.64 -7.92
C GLN A 396 -7.10 -21.74 -7.39
N CYS A 397 -5.87 -22.18 -7.59
CA CYS A 397 -4.70 -21.42 -7.15
C CYS A 397 -3.57 -21.72 -8.14
N GLU A 398 -3.28 -20.76 -9.01
CA GLU A 398 -2.24 -20.93 -10.02
C GLU A 398 -1.29 -19.74 -10.03
N TRP A 399 -1.76 -18.58 -9.62
CA TRP A 399 -0.95 -17.37 -9.64
C TRP A 399 0.04 -17.37 -8.49
N HIS A 400 1.26 -16.90 -8.77
CA HIS A 400 2.32 -16.83 -7.78
C HIS A 400 3.18 -15.61 -8.07
N TYR A 401 3.95 -15.21 -7.06
CA TYR A 401 4.84 -14.05 -7.18
C TYR A 401 6.26 -14.53 -7.44
N GLN A 402 6.83 -14.10 -8.55
CA GLN A 402 8.20 -14.48 -8.92
C GLN A 402 9.10 -13.25 -8.88
N PRO A 403 9.98 -13.12 -7.88
CA PRO A 403 10.86 -11.94 -7.83
C PRO A 403 11.79 -11.83 -9.04
N CYS A 404 12.24 -12.96 -9.59
CA CYS A 404 13.15 -12.95 -10.72
C CYS A 404 12.44 -13.04 -12.06
N GLY A 405 11.17 -13.43 -12.09
CA GLY A 405 10.45 -13.58 -13.34
C GLY A 405 10.74 -14.89 -14.02
N VAL A 406 9.72 -15.50 -14.61
CA VAL A 406 9.87 -16.79 -15.30
C VAL A 406 10.70 -16.58 -16.56
N PRO A 407 11.56 -17.53 -16.93
CA PRO A 407 12.32 -17.38 -18.18
C PRO A 407 11.45 -17.43 -19.41
N CYS A 408 10.59 -18.45 -19.49
CA CYS A 408 9.66 -18.59 -20.61
C CYS A 408 8.49 -19.44 -20.17
N LEU A 409 7.31 -19.12 -20.68
CA LEU A 409 6.09 -19.84 -20.35
C LEU A 409 5.31 -20.09 -21.64
N ARG A 410 4.45 -21.12 -21.59
CA ARG A 410 3.67 -21.52 -22.75
C ARG A 410 2.33 -20.80 -22.73
N THR A 411 2.08 -20.00 -23.75
CA THR A 411 0.82 -19.27 -23.91
C THR A 411 0.15 -19.68 -25.22
N CYS A 412 -0.94 -18.99 -25.56
CA CYS A 412 -1.63 -19.28 -26.82
C CYS A 412 -0.76 -18.94 -28.02
N ARG A 413 -0.08 -17.78 -27.98
CA ARG A 413 0.79 -17.38 -29.08
C ARG A 413 2.19 -17.93 -28.95
N ASN A 414 2.56 -18.51 -27.81
CA ASN A 414 3.88 -19.09 -27.59
C ASN A 414 3.73 -20.57 -27.24
N PRO A 415 3.90 -21.47 -28.21
CA PRO A 415 3.76 -22.90 -27.92
C PRO A 415 4.84 -23.39 -26.97
N ARG A 416 4.68 -24.65 -26.54
CA ARG A 416 5.62 -25.24 -25.60
C ARG A 416 7.01 -25.37 -26.20
N GLY A 417 7.10 -25.72 -27.49
CA GLY A 417 8.38 -25.90 -28.14
C GLY A 417 9.15 -24.63 -28.38
N ASP A 418 8.54 -23.47 -28.17
CA ASP A 418 9.18 -22.18 -28.37
C ASP A 418 9.36 -21.47 -27.03
N CYS A 419 10.50 -20.80 -26.87
CA CYS A 419 10.80 -20.07 -25.65
C CYS A 419 11.71 -18.90 -26.01
N LEU A 420 11.16 -17.69 -25.99
CA LEU A 420 11.90 -16.49 -26.34
C LEU A 420 12.52 -15.91 -25.08
N ARG A 421 13.82 -16.14 -24.90
CA ARG A 421 14.56 -15.63 -23.74
C ARG A 421 15.31 -14.37 -24.18
N ASP A 422 14.56 -13.28 -24.31
CA ASP A 422 15.12 -12.00 -24.76
C ASP A 422 15.06 -10.91 -23.70
N VAL A 423 14.07 -10.93 -22.81
CA VAL A 423 13.91 -9.93 -21.77
C VAL A 423 14.05 -10.59 -20.41
N ARG A 424 14.78 -9.93 -19.51
CA ARG A 424 15.01 -10.45 -18.17
C ARG A 424 14.80 -9.33 -17.16
N GLY A 425 14.42 -9.71 -15.94
CA GLY A 425 14.19 -8.76 -14.88
C GLY A 425 12.80 -8.16 -14.89
N LEU A 426 11.78 -9.03 -14.84
CA LEU A 426 10.38 -8.59 -14.84
C LEU A 426 9.67 -9.29 -13.68
N GLU A 427 9.40 -8.54 -12.61
CA GLU A 427 8.74 -9.09 -11.43
C GLU A 427 7.24 -8.85 -11.50
N GLY A 428 6.51 -9.62 -10.70
CA GLY A 428 5.06 -9.50 -10.64
C GLY A 428 4.36 -10.82 -10.46
N CYS A 429 3.03 -10.80 -10.48
CA CYS A 429 2.27 -12.03 -10.35
C CYS A 429 2.31 -12.83 -11.65
N TYR A 430 2.63 -14.12 -11.54
CA TYR A 430 2.67 -14.99 -12.70
C TYR A 430 1.89 -16.27 -12.42
N PRO A 431 1.22 -16.82 -13.43
CA PRO A 431 0.45 -18.04 -13.23
C PRO A 431 1.28 -19.30 -13.42
N LYS A 432 0.90 -20.33 -12.67
CA LYS A 432 1.55 -21.64 -12.74
C LYS A 432 0.48 -22.65 -13.15
N CYS A 433 0.38 -22.89 -14.45
CA CYS A 433 -0.64 -23.79 -14.96
C CYS A 433 -0.34 -25.23 -14.54
N PRO A 434 -1.36 -26.02 -14.22
CA PRO A 434 -1.13 -27.42 -13.85
C PRO A 434 -0.70 -28.23 -15.07
N PRO A 435 -0.17 -29.45 -14.85
CA PRO A 435 0.19 -30.28 -16.01
C PRO A 435 -1.00 -30.55 -16.93
N GLU A 436 -2.19 -30.72 -16.39
CA GLU A 436 -3.39 -30.82 -17.21
C GLU A 436 -3.79 -29.43 -17.68
N ALA A 437 -3.98 -29.29 -19.00
CA ALA A 437 -4.28 -28.02 -19.64
C ALA A 437 -3.23 -26.97 -19.26
N PRO A 438 -1.98 -27.13 -19.69
CA PRO A 438 -0.92 -26.19 -19.28
C PRO A 438 -0.71 -25.00 -20.20
N ILE A 439 -1.61 -24.76 -21.16
CA ILE A 439 -1.47 -23.67 -22.10
C ILE A 439 -2.22 -22.46 -21.55
N PHE A 440 -1.50 -21.35 -21.39
CA PHE A 440 -2.12 -20.12 -20.91
C PHE A 440 -2.97 -19.51 -22.01
N ASP A 441 -4.22 -19.18 -21.69
CA ASP A 441 -5.15 -18.67 -22.70
C ASP A 441 -4.80 -17.25 -23.09
N GLU A 442 -4.20 -16.48 -22.18
CA GLU A 442 -3.53 -15.20 -22.38
C GLU A 442 -4.49 -14.03 -22.62
N ASP A 443 -5.80 -14.26 -22.75
CA ASP A 443 -6.72 -13.16 -22.97
C ASP A 443 -7.76 -13.00 -21.86
N LYS A 444 -8.04 -14.06 -21.08
CA LYS A 444 -8.94 -13.93 -19.95
C LYS A 444 -8.38 -14.56 -18.68
N MET A 445 -7.06 -14.70 -18.58
CA MET A 445 -6.36 -15.04 -17.35
C MET A 445 -6.79 -16.41 -16.81
N GLN A 446 -6.53 -17.44 -17.61
CA GLN A 446 -6.72 -18.82 -17.17
C GLN A 446 -5.92 -19.73 -18.09
N CYS A 447 -5.77 -20.98 -17.66
CA CYS A 447 -5.07 -22.00 -18.43
C CYS A 447 -6.09 -22.89 -19.13
N VAL A 448 -5.86 -23.14 -20.42
CA VAL A 448 -6.75 -23.96 -21.24
C VAL A 448 -5.95 -25.09 -21.86
N ALA A 449 -6.68 -26.12 -22.31
CA ALA A 449 -6.03 -27.27 -22.93
C ALA A 449 -5.38 -26.90 -24.24
N THR A 450 -6.12 -26.23 -25.13
CA THR A 450 -5.59 -25.83 -26.42
C THR A 450 -6.44 -24.69 -26.96
N CYS A 451 -5.84 -23.91 -27.85
CA CYS A 451 -6.51 -22.79 -28.50
C CYS A 451 -6.03 -22.70 -29.94
N PRO A 452 -6.91 -22.26 -30.87
CA PRO A 452 -6.55 -22.13 -32.28
C PRO A 452 -5.47 -21.07 -32.51
N CYS B 122 -27.73 -8.14 20.92
CA CYS B 122 -26.98 -9.30 21.38
C CYS B 122 -25.80 -8.88 22.24
N LEU B 123 -24.75 -8.36 21.60
CA LEU B 123 -23.55 -7.91 22.29
C LEU B 123 -23.19 -6.51 21.81
N ALA B 124 -22.93 -5.61 22.76
CA ALA B 124 -22.54 -4.26 22.43
C ALA B 124 -21.07 -4.21 22.06
N THR B 125 -20.68 -3.11 21.40
CA THR B 125 -19.31 -2.93 20.94
C THR B 125 -18.90 -1.48 21.09
N CYS B 126 -17.71 -1.26 21.64
CA CYS B 126 -17.11 0.07 21.74
C CYS B 126 -15.92 0.11 20.79
N ALA B 127 -15.97 1.03 19.83
CA ALA B 127 -14.97 1.12 18.76
C ALA B 127 -14.20 2.42 18.88
N VAL B 128 -12.87 2.31 18.89
CA VAL B 128 -11.97 3.46 18.87
C VAL B 128 -11.03 3.28 17.69
N TYR B 129 -11.01 4.27 16.80
CA TYR B 129 -10.22 4.17 15.58
C TYR B 129 -9.87 5.57 15.09
N GLY B 130 -8.92 5.62 14.16
CA GLY B 130 -8.56 6.87 13.52
C GLY B 130 -7.95 7.86 14.49
N ASP B 131 -8.21 9.15 14.23
CA ASP B 131 -7.69 10.23 15.06
C ASP B 131 -8.76 10.64 16.05
N GLY B 132 -8.84 9.88 17.14
CA GLY B 132 -9.77 10.19 18.21
C GLY B 132 -11.24 10.05 17.86
N HIS B 133 -11.61 9.00 17.14
CA HIS B 133 -13.00 8.70 16.83
C HIS B 133 -13.49 7.62 17.78
N TYR B 134 -14.58 7.89 18.49
CA TYR B 134 -15.09 7.00 19.52
C TYR B 134 -16.54 6.63 19.23
N LEU B 135 -16.95 5.47 19.73
CA LEU B 135 -18.32 4.99 19.60
C LEU B 135 -18.68 4.25 20.89
N THR B 136 -19.61 4.80 21.66
CA THR B 136 -19.97 4.21 22.94
C THR B 136 -20.73 2.91 22.74
N PHE B 137 -20.91 2.17 23.84
CA PHE B 137 -21.64 0.91 23.79
C PHE B 137 -23.10 1.15 23.41
N ASP B 138 -23.71 2.21 23.95
CA ASP B 138 -25.11 2.50 23.69
C ASP B 138 -25.36 3.07 22.29
N GLY B 139 -24.32 3.45 21.58
CA GLY B 139 -24.44 3.95 20.22
C GLY B 139 -24.04 5.39 20.03
N GLN B 140 -23.74 6.11 21.11
CA GLN B 140 -23.33 7.50 20.98
C GLN B 140 -21.96 7.59 20.34
N SER B 141 -21.79 8.56 19.44
CA SER B 141 -20.54 8.77 18.74
C SER B 141 -20.09 10.22 18.92
N TYR B 142 -18.77 10.41 19.02
CA TYR B 142 -18.20 11.73 19.21
C TYR B 142 -16.75 11.69 18.76
N SER B 143 -16.04 12.81 18.95
CA SER B 143 -14.65 12.92 18.59
C SER B 143 -13.91 13.72 19.67
N PHE B 144 -12.71 13.25 20.02
CA PHE B 144 -11.92 13.91 21.05
C PHE B 144 -10.46 13.50 20.87
N ASN B 145 -9.56 14.47 21.02
CA ASN B 145 -8.13 14.24 20.87
C ASN B 145 -7.41 14.73 22.12
N GLY B 146 -6.43 13.93 22.58
CA GLY B 146 -5.65 14.28 23.74
C GLY B 146 -4.32 13.56 23.73
N ASP B 147 -3.44 14.02 24.62
CA ASP B 147 -2.08 13.46 24.73
C ASP B 147 -1.84 13.10 26.20
N CYS B 148 -2.28 11.91 26.58
CA CYS B 148 -2.12 11.38 27.93
C CYS B 148 -2.60 9.94 27.92
N GLU B 149 -2.65 9.33 29.10
CA GLU B 149 -3.21 7.98 29.27
C GLU B 149 -4.67 8.11 29.68
N TYR B 150 -5.55 7.46 28.91
CA TYR B 150 -6.98 7.51 29.15
C TYR B 150 -7.53 6.11 29.34
N THR B 151 -8.41 5.96 30.33
CA THR B 151 -9.00 4.66 30.65
C THR B 151 -10.26 4.46 29.82
N LEU B 152 -10.27 3.40 29.01
CA LEU B 152 -11.44 3.11 28.17
C LEU B 152 -12.55 2.46 28.99
N VAL B 153 -12.28 1.30 29.58
CA VAL B 153 -13.25 0.56 30.37
C VAL B 153 -12.61 0.22 31.70
N GLN B 154 -13.27 0.59 32.80
CA GLN B 154 -12.80 0.29 34.15
C GLN B 154 -13.90 -0.41 34.92
N ASN B 155 -13.56 -1.52 35.55
CA ASN B 155 -14.50 -2.29 36.33
C ASN B 155 -14.52 -1.82 37.78
N HIS B 156 -15.68 -1.99 38.43
CA HIS B 156 -15.88 -1.65 39.84
C HIS B 156 -15.57 -0.18 40.10
N CYS B 157 -16.41 0.67 39.50
CA CYS B 157 -16.28 2.11 39.68
C CYS B 157 -16.38 2.47 41.15
N GLY B 158 -15.46 3.31 41.62
CA GLY B 158 -15.44 3.65 43.02
C GLY B 158 -14.93 2.51 43.88
N GLY B 159 -15.31 2.55 45.15
CA GLY B 159 -14.93 1.54 46.11
C GLY B 159 -15.82 0.33 46.18
N LYS B 160 -16.82 0.22 45.30
CA LYS B 160 -17.75 -0.90 45.33
C LYS B 160 -17.14 -2.10 44.63
N ASP B 161 -16.85 -3.14 45.40
CA ASP B 161 -16.31 -4.41 44.88
C ASP B 161 -17.39 -5.47 45.03
N SER B 162 -18.05 -5.82 43.93
CA SER B 162 -19.14 -6.78 43.97
C SER B 162 -18.63 -8.21 43.78
N THR B 163 -17.61 -8.59 44.54
CA THR B 163 -17.05 -9.94 44.53
C THR B 163 -16.66 -10.37 43.11
N GLN B 164 -16.05 -9.45 42.38
CA GLN B 164 -15.60 -9.73 41.02
C GLN B 164 -14.21 -9.13 40.83
N ASP B 165 -13.49 -9.68 39.84
CA ASP B 165 -12.18 -9.15 39.51
C ASP B 165 -12.33 -7.82 38.76
N SER B 166 -11.42 -6.90 39.03
CA SER B 166 -11.45 -5.57 38.43
C SER B 166 -10.48 -5.53 37.25
N PHE B 167 -10.99 -5.20 36.07
CA PHE B 167 -10.18 -5.06 34.87
C PHE B 167 -10.11 -3.60 34.45
N ARG B 168 -8.95 -3.18 33.96
CA ARG B 168 -8.72 -1.80 33.56
C ARG B 168 -7.89 -1.79 32.29
N VAL B 169 -8.41 -1.13 31.26
CA VAL B 169 -7.72 -1.00 29.97
C VAL B 169 -7.48 0.48 29.71
N VAL B 170 -6.23 0.82 29.40
CA VAL B 170 -5.86 2.21 29.12
C VAL B 170 -5.15 2.26 27.77
N THR B 171 -5.21 3.43 27.14
CA THR B 171 -4.59 3.66 25.85
C THR B 171 -3.61 4.83 25.94
N GLU B 172 -2.54 4.74 25.16
CA GLU B 172 -1.53 5.80 25.09
C GLU B 172 -1.65 6.49 23.74
N ASN B 173 -1.82 7.82 23.78
CA ASN B 173 -1.97 8.62 22.58
C ASN B 173 -0.76 9.54 22.41
N VAL B 174 -0.28 9.64 21.18
CA VAL B 174 0.86 10.49 20.85
C VAL B 174 0.48 11.39 19.69
N PRO B 175 1.04 12.60 19.59
CA PRO B 175 0.69 13.49 18.47
C PRO B 175 1.25 13.00 17.15
N CYS B 176 0.38 12.52 16.27
CA CYS B 176 0.76 12.05 14.95
C CYS B 176 0.29 13.06 13.91
N GLY B 177 1.22 13.56 13.11
CA GLY B 177 0.91 14.57 12.11
C GLY B 177 1.45 15.93 12.47
N THR B 178 0.83 16.99 11.94
CA THR B 178 1.26 18.36 12.21
C THR B 178 0.14 19.30 12.61
N THR B 179 -1.12 18.98 12.30
CA THR B 179 -2.23 19.85 12.68
C THR B 179 -2.43 19.84 14.19
N GLY B 180 -2.30 18.68 14.82
CA GLY B 180 -2.49 18.57 16.25
C GLY B 180 -3.29 17.36 16.65
N THR B 181 -3.65 16.52 15.68
CA THR B 181 -4.41 15.33 15.96
C THR B 181 -3.55 14.29 16.68
N THR B 182 -4.21 13.41 17.41
CA THR B 182 -3.54 12.37 18.17
C THR B 182 -4.16 11.01 17.86
N CYS B 183 -3.32 9.98 17.85
CA CYS B 183 -3.75 8.62 17.58
C CYS B 183 -3.15 7.68 18.61
N SER B 184 -3.86 6.58 18.87
CA SER B 184 -3.41 5.61 19.85
C SER B 184 -2.14 4.90 19.35
N LYS B 185 -1.21 4.66 20.28
CA LYS B 185 0.05 4.01 19.97
C LYS B 185 0.23 2.70 20.74
N ALA B 186 -0.01 2.71 22.04
CA ALA B 186 0.15 1.53 22.87
C ALA B 186 -1.08 1.35 23.75
N ILE B 187 -1.37 0.09 24.09
CA ILE B 187 -2.51 -0.26 24.92
C ILE B 187 -2.03 -1.15 26.05
N LYS B 188 -2.39 -0.78 27.28
CA LYS B 188 -2.04 -1.55 28.47
C LYS B 188 -3.30 -2.14 29.10
N ILE B 189 -3.22 -3.41 29.46
CA ILE B 189 -4.34 -4.14 30.07
C ILE B 189 -3.94 -4.54 31.47
N PHE B 190 -4.80 -4.22 32.44
CA PHE B 190 -4.57 -4.55 33.84
C PHE B 190 -5.74 -5.38 34.36
N LEU B 191 -5.46 -6.60 34.80
CA LEU B 191 -6.48 -7.45 35.40
C LEU B 191 -5.81 -8.54 36.21
N GLY B 192 -6.36 -8.83 37.39
CA GLY B 192 -5.82 -9.88 38.23
C GLY B 192 -4.36 -9.71 38.59
N GLY B 193 -3.87 -8.47 38.64
CA GLY B 193 -2.46 -8.24 38.88
C GLY B 193 -1.56 -8.51 37.70
N PHE B 194 -2.13 -8.75 36.52
CA PHE B 194 -1.35 -9.04 35.31
C PHE B 194 -1.36 -7.82 34.40
N GLU B 195 -0.18 -7.44 33.92
CA GLU B 195 -0.02 -6.29 33.04
C GLU B 195 0.44 -6.76 31.66
N LEU B 196 -0.29 -6.36 30.63
CA LEU B 196 0.03 -6.71 29.26
C LEU B 196 0.21 -5.43 28.44
N LYS B 197 1.22 -5.44 27.56
CA LYS B 197 1.52 -4.30 26.71
C LYS B 197 1.44 -4.72 25.26
N LEU B 198 0.82 -3.87 24.43
CA LEU B 198 0.64 -4.12 23.00
C LEU B 198 1.27 -2.95 22.25
N SER B 199 2.54 -3.11 21.86
CA SER B 199 3.26 -2.08 21.13
C SER B 199 4.05 -2.73 19.99
N HIS B 200 4.14 -2.00 18.88
CA HIS B 200 4.88 -2.45 17.69
C HIS B 200 4.37 -3.79 17.17
N GLY B 201 3.07 -4.05 17.36
CA GLY B 201 2.48 -5.28 16.84
C GLY B 201 2.86 -6.54 17.59
N LYS B 202 3.46 -6.43 18.76
CA LYS B 202 3.86 -7.59 19.55
C LYS B 202 3.27 -7.49 20.94
N VAL B 203 3.14 -8.65 21.59
CA VAL B 203 2.58 -8.74 22.93
C VAL B 203 3.73 -8.94 23.92
N GLU B 204 3.78 -8.08 24.93
CA GLU B 204 4.80 -8.16 25.97
C GLU B 204 4.11 -8.17 27.33
N VAL B 205 4.46 -9.16 28.15
CA VAL B 205 3.87 -9.32 29.49
C VAL B 205 4.87 -8.81 30.52
N ILE B 206 4.38 -7.96 31.43
CA ILE B 206 5.22 -7.40 32.47
C ILE B 206 4.73 -7.90 33.84
N GLY B 207 3.47 -7.62 34.16
CA GLY B 207 2.91 -8.06 35.42
C GLY B 207 2.71 -9.57 35.46
N THR B 208 3.53 -10.25 36.27
CA THR B 208 3.48 -11.69 36.40
C THR B 208 3.17 -12.06 37.84
N ASP B 209 2.20 -12.95 38.03
CA ASP B 209 1.80 -13.43 39.35
C ASP B 209 1.98 -14.94 39.39
N GLU B 210 2.70 -15.42 40.40
CA GLU B 210 2.95 -16.86 40.55
C GLU B 210 1.85 -17.53 41.38
N SER B 211 0.60 -17.31 40.98
CA SER B 211 -0.54 -17.89 41.67
C SER B 211 -1.75 -17.86 40.74
N GLN B 212 -2.79 -18.56 41.15
CA GLN B 212 -4.07 -18.63 40.42
C GLN B 212 -3.78 -19.22 39.04
N GLU B 213 -4.22 -18.60 37.95
CA GLU B 213 -4.03 -19.15 36.62
C GLU B 213 -4.14 -18.01 35.62
N VAL B 214 -3.35 -18.07 34.55
CA VAL B 214 -3.36 -17.05 33.50
C VAL B 214 -4.74 -17.04 32.86
N PRO B 215 -5.45 -15.91 32.88
CA PRO B 215 -6.80 -15.84 32.33
C PRO B 215 -6.92 -15.33 30.89
N TYR B 216 -5.80 -15.04 30.23
CA TYR B 216 -5.83 -14.48 28.88
C TYR B 216 -5.23 -15.47 27.88
N THR B 217 -5.81 -15.51 26.69
CA THR B 217 -5.32 -16.35 25.61
C THR B 217 -5.08 -15.48 24.38
N ILE B 218 -3.98 -15.71 23.70
CA ILE B 218 -3.58 -14.92 22.54
C ILE B 218 -3.86 -15.72 21.28
N ARG B 219 -4.61 -15.13 20.35
CA ARG B 219 -4.94 -15.74 19.08
C ARG B 219 -4.67 -14.77 17.95
N GLN B 220 -4.35 -15.32 16.78
CA GLN B 220 -4.05 -14.53 15.59
C GLN B 220 -5.00 -14.99 14.48
N MET B 221 -6.12 -14.29 14.35
CA MET B 221 -7.13 -14.58 13.34
C MET B 221 -7.16 -13.43 12.34
N GLY B 222 -6.92 -13.74 11.06
CA GLY B 222 -6.93 -12.73 10.03
C GLY B 222 -5.84 -11.69 10.28
N ILE B 223 -6.22 -10.42 10.17
CA ILE B 223 -5.29 -9.32 10.41
C ILE B 223 -5.39 -8.77 11.83
N TYR B 224 -6.35 -9.24 12.63
CA TYR B 224 -6.54 -8.75 13.98
C TYR B 224 -5.80 -9.62 14.99
N LEU B 225 -5.46 -9.03 16.12
CA LEU B 225 -4.80 -9.72 17.23
C LEU B 225 -5.85 -9.91 18.32
N VAL B 226 -6.53 -11.04 18.29
CA VAL B 226 -7.65 -11.31 19.18
C VAL B 226 -7.13 -11.89 20.48
N VAL B 227 -7.52 -11.29 21.60
CA VAL B 227 -7.24 -11.81 22.93
C VAL B 227 -8.56 -12.10 23.61
N ASP B 228 -8.58 -13.18 24.40
CA ASP B 228 -9.81 -13.64 25.05
C ASP B 228 -9.56 -13.80 26.54
N THR B 229 -10.54 -13.39 27.34
CA THR B 229 -10.50 -13.52 28.79
C THR B 229 -11.69 -14.34 29.26
N ASP B 230 -11.48 -15.05 30.38
CA ASP B 230 -12.54 -15.91 30.91
C ASP B 230 -13.68 -15.13 31.55
N ILE B 231 -13.44 -13.87 31.93
CA ILE B 231 -14.50 -13.08 32.57
C ILE B 231 -15.59 -12.75 31.56
N GLY B 232 -15.25 -12.59 30.29
CA GLY B 232 -16.23 -12.29 29.27
C GLY B 232 -15.95 -11.01 28.51
N LEU B 233 -14.69 -10.60 28.49
CA LEU B 233 -14.25 -9.39 27.80
C LEU B 233 -13.16 -9.75 26.80
N VAL B 234 -13.35 -9.32 25.55
CA VAL B 234 -12.40 -9.60 24.48
C VAL B 234 -11.99 -8.30 23.82
N LEU B 235 -10.89 -8.34 23.09
CA LEU B 235 -10.37 -7.18 22.38
C LEU B 235 -9.98 -7.58 20.96
N LEU B 236 -10.16 -6.65 20.04
CA LEU B 236 -9.79 -6.83 18.64
C LEU B 236 -8.83 -5.71 18.26
N TRP B 237 -7.54 -6.04 18.14
CA TRP B 237 -6.50 -5.08 17.86
C TRP B 237 -5.94 -5.33 16.46
N ASP B 238 -5.89 -4.28 15.64
CA ASP B 238 -5.33 -4.37 14.30
C ASP B 238 -3.83 -4.15 14.28
N LYS B 239 -3.21 -3.95 15.44
CA LYS B 239 -1.78 -3.73 15.64
C LYS B 239 -1.29 -2.40 15.08
N LYS B 240 -2.17 -1.57 14.53
CA LYS B 240 -1.74 -0.28 13.99
C LYS B 240 -2.35 0.91 14.74
N THR B 241 -3.67 1.07 14.71
CA THR B 241 -4.27 2.24 15.34
C THR B 241 -5.52 1.91 16.15
N SER B 242 -6.38 1.04 15.62
CA SER B 242 -7.71 0.88 16.17
C SER B 242 -7.78 -0.28 17.15
N ILE B 243 -8.87 -0.31 17.93
CA ILE B 243 -9.11 -1.35 18.92
C ILE B 243 -10.62 -1.47 19.13
N PHE B 244 -11.12 -2.69 19.13
CA PHE B 244 -12.54 -2.97 19.31
C PHE B 244 -12.75 -3.72 20.62
N ILE B 245 -13.75 -3.31 21.38
CA ILE B 245 -14.05 -3.88 22.69
C ILE B 245 -15.44 -4.49 22.65
N ASN B 246 -15.55 -5.74 23.11
CA ASN B 246 -16.83 -6.44 23.22
C ASN B 246 -17.04 -6.86 24.67
N LEU B 247 -18.21 -6.56 25.21
CA LEU B 247 -18.53 -6.82 26.60
C LEU B 247 -19.76 -7.70 26.71
N SER B 248 -19.76 -8.59 27.70
CA SER B 248 -20.90 -9.47 27.91
C SER B 248 -22.08 -8.68 28.48
N PRO B 249 -23.31 -9.13 28.22
CA PRO B 249 -24.48 -8.44 28.78
C PRO B 249 -24.56 -8.48 30.29
N GLU B 250 -23.83 -9.39 30.95
CA GLU B 250 -23.89 -9.49 32.40
C GLU B 250 -23.35 -8.24 33.08
N PHE B 251 -22.46 -7.50 32.40
CA PHE B 251 -21.87 -6.29 32.96
C PHE B 251 -22.70 -5.04 32.66
N LYS B 252 -24.00 -5.19 32.45
CA LYS B 252 -24.85 -4.05 32.14
C LYS B 252 -25.04 -3.18 33.36
N GLY B 253 -24.82 -1.88 33.19
CA GLY B 253 -25.01 -0.93 34.28
C GLY B 253 -23.99 -1.00 35.39
N ARG B 254 -22.81 -1.56 35.12
CA ARG B 254 -21.78 -1.66 36.14
C ARG B 254 -20.39 -1.33 35.60
N VAL B 255 -20.30 -0.68 34.45
CA VAL B 255 -19.03 -0.34 33.83
C VAL B 255 -19.04 1.14 33.48
N CYS B 256 -17.99 1.86 33.88
CA CYS B 256 -17.85 3.27 33.57
C CYS B 256 -16.49 3.52 32.93
N GLY B 257 -16.42 4.52 32.07
CA GLY B 257 -15.19 4.86 31.39
C GLY B 257 -15.47 5.71 30.17
N LEU B 258 -14.48 5.75 29.27
CA LEU B 258 -14.62 6.51 28.04
C LEU B 258 -15.67 5.93 27.11
N CYS B 259 -15.99 4.65 27.26
CA CYS B 259 -17.02 4.01 26.44
C CYS B 259 -18.42 4.26 26.97
N GLY B 260 -18.57 4.94 28.10
CA GLY B 260 -19.87 5.24 28.65
C GLY B 260 -20.45 4.09 29.46
N ASN B 261 -21.45 4.42 30.27
CA ASN B 261 -22.10 3.41 31.09
C ASN B 261 -23.00 2.53 30.23
N PHE B 262 -22.88 1.21 30.41
CA PHE B 262 -23.65 0.24 29.63
C PHE B 262 -25.05 0.16 30.22
N ASP B 263 -25.90 1.10 29.79
CA ASP B 263 -27.28 1.17 30.26
C ASP B 263 -28.28 1.29 29.12
N ASP B 264 -27.87 1.06 27.88
CA ASP B 264 -28.73 1.12 26.70
C ASP B 264 -29.37 2.50 26.50
N ILE B 265 -28.76 3.55 27.04
CA ILE B 265 -29.24 4.91 26.89
C ILE B 265 -28.11 5.73 26.29
N ALA B 266 -28.38 6.37 25.15
CA ALA B 266 -27.36 7.10 24.41
C ALA B 266 -27.28 8.57 24.80
N VAL B 267 -28.06 9.01 25.78
CA VAL B 267 -28.05 10.42 26.19
C VAL B 267 -27.36 10.64 27.53
N ASN B 268 -27.07 9.58 28.29
CA ASN B 268 -26.41 9.71 29.57
C ASN B 268 -25.01 9.08 29.56
N ASP B 269 -24.36 9.09 28.39
CA ASP B 269 -23.03 8.51 28.23
C ASP B 269 -21.92 9.52 28.47
N PHE B 270 -22.16 10.54 29.29
CA PHE B 270 -21.16 11.58 29.53
C PHE B 270 -20.87 11.72 31.02
N ALA B 271 -20.69 10.59 31.70
CA ALA B 271 -20.34 10.59 33.12
C ALA B 271 -18.88 10.98 33.26
N THR B 272 -18.62 12.19 33.74
CA THR B 272 -17.26 12.70 33.83
C THR B 272 -16.58 12.26 35.12
N ARG B 273 -16.57 10.95 35.39
CA ARG B 273 -15.88 10.31 36.50
C ARG B 273 -16.44 10.71 37.86
N SER B 274 -17.44 11.59 37.91
CA SER B 274 -18.03 12.03 39.17
C SER B 274 -19.54 11.80 39.20
N ARG B 275 -20.04 10.87 38.38
CA ARG B 275 -21.47 10.57 38.31
C ARG B 275 -22.29 11.82 37.97
N SER B 276 -21.73 12.67 37.11
CA SER B 276 -22.39 13.90 36.68
C SER B 276 -22.32 13.99 35.17
N VAL B 277 -23.47 14.03 34.52
CA VAL B 277 -23.52 14.11 33.06
C VAL B 277 -23.31 15.55 32.64
N VAL B 278 -22.30 15.77 31.80
CA VAL B 278 -21.96 17.11 31.30
C VAL B 278 -21.96 17.05 29.79
N GLY B 279 -22.65 18.00 29.16
CA GLY B 279 -22.72 18.04 27.70
C GLY B 279 -21.42 18.42 27.03
N ASP B 280 -20.46 18.96 27.76
CA ASP B 280 -19.18 19.35 27.18
C ASP B 280 -18.36 18.10 26.88
N VAL B 281 -18.22 17.78 25.60
CA VAL B 281 -17.47 16.59 25.20
C VAL B 281 -16.00 16.75 25.58
N LEU B 282 -15.46 17.96 25.39
CA LEU B 282 -14.05 18.19 25.74
C LEU B 282 -13.82 18.01 27.23
N GLU B 283 -14.71 18.55 28.07
CA GLU B 283 -14.57 18.38 29.51
C GLU B 283 -14.73 16.92 29.92
N PHE B 284 -15.69 16.23 29.29
CA PHE B 284 -15.88 14.81 29.60
C PHE B 284 -14.64 14.00 29.25
N GLY B 285 -14.02 14.30 28.12
CA GLY B 285 -12.80 13.61 27.74
C GLY B 285 -11.63 13.94 28.65
N ASN B 286 -11.52 15.21 29.06
CA ASN B 286 -10.40 15.62 29.90
C ASN B 286 -10.54 15.11 31.32
N SER B 287 -11.78 14.85 31.77
CA SER B 287 -11.99 14.38 33.13
C SER B 287 -11.54 12.94 33.34
N TRP B 288 -11.20 12.22 32.27
CA TRP B 288 -10.80 10.82 32.37
C TRP B 288 -9.29 10.62 32.23
N LYS B 289 -8.52 11.69 32.37
CA LYS B 289 -7.06 11.57 32.27
C LYS B 289 -6.51 10.84 33.48
N LEU B 290 -5.46 10.04 33.25
CA LEU B 290 -4.86 9.27 34.33
C LEU B 290 -3.85 10.12 35.11
N SER B 291 -2.82 10.60 34.45
CA SER B 291 -1.79 11.40 35.10
C SER B 291 -2.28 12.83 35.28
N PRO B 292 -2.33 13.36 36.51
CA PRO B 292 -2.78 14.75 36.69
C PRO B 292 -1.86 15.78 36.05
N SER B 293 -0.62 15.44 35.77
CA SER B 293 0.33 16.38 35.18
C SER B 293 0.17 16.53 33.68
N CYS B 294 -0.71 15.76 33.05
CA CYS B 294 -0.89 15.85 31.62
C CYS B 294 -1.55 17.18 31.26
N PRO B 295 -1.16 17.81 30.15
CA PRO B 295 -1.81 19.05 29.74
C PRO B 295 -3.26 18.80 29.34
N ASP B 296 -4.08 19.82 29.57
CA ASP B 296 -5.50 19.72 29.23
C ASP B 296 -5.69 19.80 27.71
N ALA B 297 -6.61 18.98 27.20
CA ALA B 297 -6.87 18.96 25.77
C ALA B 297 -7.62 20.22 25.34
N LEU B 298 -7.43 20.59 24.07
CA LEU B 298 -8.07 21.76 23.49
C LEU B 298 -8.84 21.36 22.24
N ALA B 299 -9.66 22.29 21.76
CA ALA B 299 -10.46 22.03 20.57
C ALA B 299 -9.56 21.92 19.34
N PRO B 300 -9.82 20.97 18.46
CA PRO B 300 -9.00 20.81 17.26
C PRO B 300 -9.48 21.71 16.13
N LYS B 301 -8.64 21.82 15.10
CA LYS B 301 -8.92 22.62 13.92
C LYS B 301 -9.40 21.72 12.79
N ASP B 302 -9.57 22.30 11.61
CA ASP B 302 -10.00 21.55 10.44
C ASP B 302 -8.77 21.14 9.64
N PRO B 303 -8.44 19.86 9.55
CA PRO B 303 -7.26 19.47 8.76
C PRO B 303 -7.38 19.79 7.28
N CYS B 304 -8.59 19.69 6.73
CA CYS B 304 -8.77 20.01 5.31
C CYS B 304 -8.56 21.48 5.05
N THR B 305 -9.02 22.36 5.95
CA THR B 305 -8.76 23.78 5.81
C THR B 305 -7.28 24.09 6.02
N ALA B 306 -6.64 23.39 6.95
CA ALA B 306 -5.22 23.61 7.21
C ALA B 306 -4.38 23.21 6.00
N ASN B 307 -4.75 22.13 5.32
CA ASN B 307 -4.04 21.64 4.14
C ASN B 307 -5.02 21.52 3.00
N PRO B 308 -5.29 22.63 2.29
CA PRO B 308 -6.28 22.60 1.21
C PRO B 308 -5.80 21.93 -0.07
N PHE B 309 -4.52 21.57 -0.16
CA PHE B 309 -3.98 20.94 -1.36
C PHE B 309 -4.17 19.43 -1.39
N ARG B 310 -4.79 18.84 -0.36
CA ARG B 310 -5.08 17.42 -0.33
C ARG B 310 -6.57 17.11 -0.34
N LYS B 311 -7.44 18.13 -0.43
CA LYS B 311 -8.87 17.88 -0.36
C LYS B 311 -9.36 17.06 -1.55
N SER B 312 -8.88 17.36 -2.75
CA SER B 312 -9.33 16.63 -3.93
C SER B 312 -8.91 15.16 -3.86
N TRP B 313 -7.66 14.91 -3.50
CA TRP B 313 -7.19 13.53 -3.37
C TRP B 313 -7.94 12.79 -2.27
N ALA B 314 -8.18 13.46 -1.14
CA ALA B 314 -8.92 12.84 -0.05
C ALA B 314 -10.33 12.47 -0.48
N GLN B 315 -11.02 13.38 -1.18
CA GLN B 315 -12.37 13.08 -1.64
C GLN B 315 -12.38 11.95 -2.65
N LYS B 316 -11.42 11.97 -3.58
CA LYS B 316 -11.35 10.92 -4.59
C LYS B 316 -11.10 9.56 -3.96
N GLN B 317 -10.28 9.52 -2.91
CA GLN B 317 -10.00 8.23 -2.25
C GLN B 317 -11.17 7.77 -1.41
N CYS B 318 -11.81 8.68 -0.67
CA CYS B 318 -12.90 8.30 0.22
C CYS B 318 -14.24 8.18 -0.49
N SER B 319 -14.31 8.50 -1.78
CA SER B 319 -15.56 8.32 -2.52
C SER B 319 -15.97 6.86 -2.65
N ILE B 320 -15.07 5.91 -2.35
CA ILE B 320 -15.42 4.50 -2.43
C ILE B 320 -16.51 4.12 -1.44
N LEU B 321 -16.66 4.89 -0.36
CA LEU B 321 -17.71 4.60 0.61
C LEU B 321 -19.09 4.82 0.01
N HIS B 322 -19.23 5.83 -0.84
CA HIS B 322 -20.51 6.14 -1.48
C HIS B 322 -20.71 5.39 -2.80
N GLY B 323 -19.77 4.52 -3.18
CA GLY B 323 -19.88 3.80 -4.41
C GLY B 323 -20.83 2.63 -4.31
N PRO B 324 -20.99 1.92 -5.43
CA PRO B 324 -21.91 0.76 -5.44
C PRO B 324 -21.39 -0.45 -4.69
N THR B 325 -20.13 -0.43 -4.23
CA THR B 325 -19.59 -1.58 -3.52
C THR B 325 -20.32 -1.81 -2.20
N PHE B 326 -20.62 -0.73 -1.48
CA PHE B 326 -21.28 -0.81 -0.17
C PHE B 326 -22.77 -0.54 -0.27
N ALA B 327 -23.41 -0.98 -1.36
CA ALA B 327 -24.84 -0.78 -1.52
C ALA B 327 -25.62 -1.51 -0.44
N ALA B 328 -25.21 -2.73 -0.09
CA ALA B 328 -25.88 -3.47 0.97
C ALA B 328 -25.69 -2.78 2.32
N CYS B 329 -24.48 -2.27 2.58
CA CYS B 329 -24.24 -1.59 3.84
C CYS B 329 -25.00 -0.28 3.94
N HIS B 330 -25.28 0.37 2.80
CA HIS B 330 -26.00 1.63 2.82
C HIS B 330 -27.40 1.48 3.39
N ALA B 331 -27.99 0.29 3.27
CA ALA B 331 -29.36 0.07 3.75
C ALA B 331 -29.42 -0.23 5.25
N HIS B 332 -28.29 -0.38 5.91
CA HIS B 332 -28.27 -0.70 7.34
C HIS B 332 -27.49 0.30 8.17
N VAL B 333 -26.36 0.79 7.70
CA VAL B 333 -25.50 1.71 8.43
C VAL B 333 -25.32 2.97 7.60
N GLU B 334 -25.58 4.12 8.21
CA GLU B 334 -25.39 5.40 7.54
C GLU B 334 -23.91 5.67 7.34
N PRO B 335 -23.45 5.91 6.12
CA PRO B 335 -22.01 6.13 5.88
C PRO B 335 -21.56 7.58 5.91
N ALA B 336 -22.44 8.52 6.28
CA ALA B 336 -22.04 9.93 6.29
C ALA B 336 -20.96 10.20 7.32
N ARG B 337 -21.15 9.68 8.54
CA ARG B 337 -20.16 9.87 9.59
C ARG B 337 -18.82 9.22 9.21
N TYR B 338 -18.88 8.01 8.66
CA TYR B 338 -17.65 7.32 8.26
C TYR B 338 -16.98 8.03 7.09
N TYR B 339 -17.77 8.59 6.17
CA TYR B 339 -17.19 9.36 5.07
C TYR B 339 -16.50 10.61 5.58
N GLU B 340 -17.13 11.32 6.53
CA GLU B 340 -16.50 12.49 7.11
C GLU B 340 -15.23 12.12 7.85
N ALA B 341 -15.24 10.99 8.56
CA ALA B 341 -14.04 10.53 9.26
C ALA B 341 -12.93 10.21 8.28
N CYS B 342 -13.27 9.56 7.16
CA CYS B 342 -12.27 9.26 6.14
C CYS B 342 -11.67 10.55 5.58
N VAL B 343 -12.51 11.53 5.28
CA VAL B 343 -12.02 12.79 4.73
C VAL B 343 -11.11 13.49 5.72
N ASN B 344 -11.52 13.54 6.99
CA ASN B 344 -10.71 14.22 8.00
C ASN B 344 -9.38 13.50 8.22
N ASP B 345 -9.40 12.16 8.25
CA ASP B 345 -8.16 11.41 8.43
C ASP B 345 -7.22 11.61 7.26
N ALA B 346 -7.75 11.57 6.03
CA ALA B 346 -6.89 11.78 4.87
C ALA B 346 -6.35 13.19 4.82
N CYS B 347 -7.11 14.18 5.31
CA CYS B 347 -6.59 15.54 5.36
C CYS B 347 -5.55 15.71 6.46
N ALA B 348 -5.65 14.94 7.54
CA ALA B 348 -4.75 15.08 8.67
C ALA B 348 -3.53 14.17 8.59
N CYS B 349 -3.68 12.98 8.01
CA CYS B 349 -2.57 12.02 7.93
C CYS B 349 -1.54 12.47 6.90
N ASP B 350 -0.81 13.54 7.21
CA ASP B 350 0.16 14.12 6.29
C ASP B 350 1.59 13.98 6.78
N SER B 351 1.83 13.19 7.82
CA SER B 351 3.17 12.99 8.34
C SER B 351 3.92 11.86 7.66
N GLY B 352 3.33 11.22 6.65
CA GLY B 352 3.96 10.12 5.97
C GLY B 352 3.26 8.80 6.19
N GLY B 353 2.61 8.29 5.16
CA GLY B 353 1.88 7.04 5.27
C GLY B 353 0.38 7.22 5.31
N ASP B 354 -0.14 8.13 4.47
CA ASP B 354 -1.58 8.35 4.41
C ASP B 354 -2.33 7.12 3.92
N CYS B 355 -1.66 6.22 3.19
CA CYS B 355 -2.31 5.01 2.73
C CYS B 355 -2.78 4.15 3.90
N GLU B 356 -1.96 4.03 4.93
CA GLU B 356 -2.36 3.27 6.11
C GLU B 356 -3.55 3.91 6.81
N CYS B 357 -3.55 5.24 6.93
CA CYS B 357 -4.68 5.93 7.54
C CYS B 357 -5.97 5.70 6.75
N PHE B 358 -5.89 5.80 5.42
CA PHE B 358 -7.07 5.56 4.59
C PHE B 358 -7.55 4.12 4.71
N CYS B 359 -6.61 3.16 4.72
CA CYS B 359 -6.98 1.77 4.84
C CYS B 359 -7.67 1.49 6.17
N THR B 360 -7.15 2.06 7.26
CA THR B 360 -7.80 1.88 8.57
C THR B 360 -9.17 2.53 8.59
N ALA B 361 -9.31 3.72 8.00
CA ALA B 361 -10.61 4.38 7.97
C ALA B 361 -11.63 3.56 7.20
N VAL B 362 -11.22 2.95 6.09
CA VAL B 362 -12.16 2.11 5.34
C VAL B 362 -12.47 0.82 6.09
N ALA B 363 -11.45 0.22 6.72
CA ALA B 363 -11.64 -1.03 7.43
C ALA B 363 -12.54 -0.86 8.64
N ALA B 364 -12.57 0.34 9.23
CA ALA B 364 -13.49 0.59 10.33
C ALA B 364 -14.94 0.39 9.89
N TYR B 365 -15.33 1.05 8.79
CA TYR B 365 -16.68 0.87 8.27
C TYR B 365 -16.91 -0.55 7.75
N ALA B 366 -15.86 -1.18 7.20
CA ALA B 366 -16.00 -2.56 6.74
C ALA B 366 -16.35 -3.48 7.91
N GLN B 367 -15.64 -3.35 9.03
CA GLN B 367 -15.94 -4.17 10.20
C GLN B 367 -17.30 -3.80 10.79
N ALA B 368 -17.66 -2.52 10.75
CA ALA B 368 -18.98 -2.11 11.24
C ALA B 368 -20.10 -2.77 10.44
N CYS B 369 -19.94 -2.84 9.12
CA CYS B 369 -20.94 -3.50 8.30
C CYS B 369 -20.90 -5.02 8.49
N HIS B 370 -19.70 -5.58 8.70
CA HIS B 370 -19.58 -7.02 8.93
C HIS B 370 -20.25 -7.44 10.23
N GLU B 371 -20.25 -6.56 11.23
CA GLU B 371 -20.87 -6.89 12.51
C GLU B 371 -22.37 -7.11 12.37
N VAL B 372 -23.01 -6.49 11.37
CA VAL B 372 -24.45 -6.65 11.17
C VAL B 372 -24.78 -8.10 10.84
N GLY B 373 -23.98 -8.73 10.00
CA GLY B 373 -24.22 -10.11 9.62
C GLY B 373 -23.90 -10.42 8.17
N LEU B 374 -23.91 -9.38 7.33
CA LEU B 374 -23.61 -9.54 5.91
C LEU B 374 -22.20 -9.06 5.62
N CYS B 375 -21.51 -9.76 4.73
CA CYS B 375 -20.14 -9.46 4.37
C CYS B 375 -20.06 -8.99 2.93
N VAL B 376 -19.19 -8.02 2.67
CA VAL B 376 -18.99 -7.46 1.34
C VAL B 376 -17.49 -7.38 1.08
N SER B 377 -17.07 -7.80 -0.11
CA SER B 377 -15.67 -7.75 -0.51
C SER B 377 -15.36 -6.38 -1.11
N TRP B 378 -14.43 -5.66 -0.50
CA TRP B 378 -14.06 -4.33 -0.96
C TRP B 378 -12.59 -4.18 -1.33
N ARG B 379 -11.75 -5.16 -1.01
CA ARG B 379 -10.33 -5.04 -1.29
C ARG B 379 -10.05 -5.13 -2.78
N THR B 380 -8.93 -4.52 -3.19
CA THR B 380 -8.55 -4.40 -4.59
C THR B 380 -7.03 -4.37 -4.63
N PRO B 381 -6.41 -5.04 -5.61
CA PRO B 381 -4.94 -5.00 -5.70
C PRO B 381 -4.36 -3.60 -5.77
N SER B 382 -5.16 -2.59 -6.11
CA SER B 382 -4.73 -1.21 -6.10
C SER B 382 -5.26 -0.42 -4.91
N ILE B 383 -6.17 -1.00 -4.12
CA ILE B 383 -6.79 -0.32 -2.97
C ILE B 383 -6.60 -1.23 -1.76
N CYS B 384 -5.64 -0.89 -0.91
CA CYS B 384 -5.34 -1.60 0.33
C CYS B 384 -5.13 -3.09 0.07
N PRO B 385 -4.03 -3.49 -0.57
CA PRO B 385 -3.82 -4.91 -0.85
C PRO B 385 -3.16 -5.65 0.31
N LEU B 386 -3.34 -6.96 0.30
CA LEU B 386 -2.73 -7.85 1.27
C LEU B 386 -1.94 -8.93 0.55
N PHE B 387 -0.79 -9.30 1.11
CA PHE B 387 0.10 -10.29 0.51
C PHE B 387 -0.15 -11.63 1.19
N CYS B 388 -1.25 -12.28 0.79
CA CYS B 388 -1.59 -13.58 1.37
C CYS B 388 -0.64 -14.67 0.91
N ASP B 389 0.07 -14.47 -0.20
CA ASP B 389 0.98 -15.49 -0.72
C ASP B 389 2.30 -15.54 0.04
N TYR B 390 2.60 -14.54 0.88
CA TYR B 390 3.85 -14.53 1.61
C TYR B 390 3.94 -15.69 2.59
N TYR B 391 2.83 -16.02 3.25
CA TYR B 391 2.83 -17.10 4.22
C TYR B 391 2.86 -18.48 3.57
N ASN B 392 2.57 -18.57 2.27
CA ASN B 392 2.58 -19.85 1.60
C ASN B 392 4.01 -20.35 1.45
N PRO B 393 4.30 -21.59 1.87
CA PRO B 393 5.66 -22.13 1.69
C PRO B 393 5.94 -22.45 0.23
N GLU B 394 7.19 -22.76 -0.06
CA GLU B 394 7.60 -23.07 -1.41
C GLU B 394 6.96 -24.36 -1.90
N GLY B 395 6.34 -24.31 -3.07
CA GLY B 395 5.70 -25.46 -3.66
C GLY B 395 4.31 -25.78 -3.13
N GLN B 396 3.80 -24.99 -2.19
CA GLN B 396 2.50 -25.23 -1.60
C GLN B 396 1.64 -23.97 -1.72
N CYS B 397 0.33 -24.16 -1.64
CA CYS B 397 -0.63 -23.05 -1.70
C CYS B 397 -1.83 -23.43 -0.85
N GLU B 398 -1.93 -22.83 0.33
CA GLU B 398 -3.02 -23.13 1.24
C GLU B 398 -3.69 -21.85 1.75
N TRP B 399 -2.94 -20.76 1.78
CA TRP B 399 -3.46 -19.49 2.30
C TRP B 399 -4.37 -18.83 1.28
N HIS B 400 -5.46 -18.25 1.78
CA HIS B 400 -6.43 -17.56 0.93
C HIS B 400 -7.01 -16.39 1.70
N TYR B 401 -7.62 -15.46 0.96
CA TYR B 401 -8.23 -14.28 1.54
C TYR B 401 -9.73 -14.49 1.66
N GLN B 402 -10.24 -14.39 2.88
CA GLN B 402 -11.67 -14.55 3.14
C GLN B 402 -12.26 -13.23 3.60
N PRO B 403 -13.05 -12.54 2.78
CA PRO B 403 -13.63 -11.27 3.22
C PRO B 403 -14.57 -11.41 4.41
N CYS B 404 -15.28 -12.52 4.51
CA CYS B 404 -16.23 -12.74 5.60
C CYS B 404 -15.61 -13.49 6.78
N GLY B 405 -14.47 -14.13 6.59
CA GLY B 405 -13.85 -14.90 7.65
C GLY B 405 -14.47 -16.28 7.82
N VAL B 406 -13.64 -17.28 8.08
CA VAL B 406 -14.11 -18.65 8.24
C VAL B 406 -14.93 -18.75 9.52
N PRO B 407 -15.99 -19.57 9.55
CA PRO B 407 -16.76 -19.72 10.79
C PRO B 407 -15.97 -20.44 11.87
N CYS B 408 -15.38 -21.58 11.52
CA CYS B 408 -14.56 -22.32 12.46
C CYS B 408 -13.59 -23.20 11.67
N LEU B 409 -12.39 -23.37 12.22
CA LEU B 409 -11.35 -24.16 11.59
C LEU B 409 -10.70 -25.05 12.64
N ARG B 410 -10.11 -26.15 12.18
CA ARG B 410 -9.49 -27.13 13.06
C ARG B 410 -8.01 -26.79 13.25
N THR B 411 -7.64 -26.51 14.49
CA THR B 411 -6.26 -26.19 14.86
C THR B 411 -5.77 -27.21 15.88
N CYS B 412 -4.56 -26.97 16.41
CA CYS B 412 -4.02 -27.86 17.43
C CYS B 412 -4.84 -27.80 18.71
N ARG B 413 -5.22 -26.61 19.14
CA ARG B 413 -6.04 -26.46 20.34
C ARG B 413 -7.53 -26.59 20.09
N ASN B 414 -7.95 -26.59 18.83
CA ASN B 414 -9.36 -26.73 18.46
C ASN B 414 -9.53 -27.96 17.58
N PRO B 415 -9.94 -29.09 18.14
CA PRO B 415 -10.11 -30.30 17.32
C PRO B 415 -11.24 -30.14 16.30
N ARG B 416 -11.35 -31.14 15.44
CA ARG B 416 -12.37 -31.10 14.38
C ARG B 416 -13.77 -31.12 14.95
N GLY B 417 -13.99 -31.92 16.01
CA GLY B 417 -15.32 -32.03 16.60
C GLY B 417 -15.78 -30.80 17.35
N ASP B 418 -14.91 -29.82 17.56
CA ASP B 418 -15.26 -28.59 18.26
C ASP B 418 -15.21 -27.41 17.30
N CYS B 419 -16.16 -26.50 17.46
CA CYS B 419 -16.23 -25.30 16.61
C CYS B 419 -16.86 -24.19 17.43
N LEU B 420 -16.04 -23.22 17.84
CA LEU B 420 -16.51 -22.09 18.66
C LEU B 420 -16.93 -20.96 17.73
N ARG B 421 -18.25 -20.81 17.55
CA ARG B 421 -18.79 -19.74 16.70
C ARG B 421 -19.26 -18.61 17.62
N ASP B 422 -18.29 -17.85 18.12
CA ASP B 422 -18.55 -16.75 19.03
C ASP B 422 -18.21 -15.38 18.47
N VAL B 423 -17.22 -15.29 17.59
CA VAL B 423 -16.78 -14.03 17.01
C VAL B 423 -17.00 -14.08 15.50
N ARG B 424 -17.52 -12.98 14.96
CA ARG B 424 -17.80 -12.88 13.52
C ARG B 424 -17.29 -11.55 13.01
N GLY B 425 -16.95 -11.53 11.72
CA GLY B 425 -16.47 -10.32 11.09
C GLY B 425 -14.98 -10.10 11.25
N LEU B 426 -14.19 -11.08 10.83
CA LEU B 426 -12.72 -11.01 10.93
C LEU B 426 -12.15 -11.36 9.56
N GLU B 427 -11.66 -10.35 8.85
CA GLU B 427 -11.09 -10.54 7.53
C GLU B 427 -9.58 -10.69 7.60
N GLY B 428 -9.00 -11.24 6.54
CA GLY B 428 -7.57 -11.44 6.47
C GLY B 428 -7.18 -12.72 5.77
N CYS B 429 -5.88 -13.02 5.73
CA CYS B 429 -5.41 -14.24 5.11
C CYS B 429 -5.69 -15.44 6.02
N TYR B 430 -6.29 -16.48 5.45
CA TYR B 430 -6.59 -17.69 6.19
C TYR B 430 -6.10 -18.91 5.42
N PRO B 431 -5.61 -19.94 6.11
CA PRO B 431 -5.13 -21.14 5.43
C PRO B 431 -6.24 -22.15 5.17
N LYS B 432 -6.08 -22.87 4.06
CA LYS B 432 -7.00 -23.94 3.66
C LYS B 432 -6.21 -25.23 3.62
N CYS B 433 -6.23 -25.97 4.73
CA CYS B 433 -5.47 -27.21 4.81
C CYS B 433 -6.07 -28.26 3.89
N PRO B 434 -5.24 -29.08 3.25
CA PRO B 434 -5.75 -30.16 2.39
C PRO B 434 -6.41 -31.24 3.22
N PRO B 435 -7.20 -32.13 2.59
CA PRO B 435 -7.78 -33.24 3.36
C PRO B 435 -6.74 -34.09 4.07
N GLU B 436 -5.58 -34.30 3.44
CA GLU B 436 -4.47 -34.98 4.10
C GLU B 436 -3.79 -34.00 5.05
N ALA B 437 -3.64 -34.42 6.31
CA ALA B 437 -3.09 -33.59 7.37
C ALA B 437 -3.85 -32.26 7.46
N PRO B 438 -5.12 -32.28 7.86
CA PRO B 438 -5.92 -31.05 7.88
C PRO B 438 -5.89 -30.29 9.20
N ILE B 439 -5.02 -30.64 10.13
CA ILE B 439 -4.94 -29.98 11.42
C ILE B 439 -3.92 -28.85 11.34
N PHE B 440 -4.36 -27.63 11.64
CA PHE B 440 -3.46 -26.49 11.63
C PHE B 440 -2.54 -26.55 12.85
N ASP B 441 -1.23 -26.42 12.60
CA ASP B 441 -0.27 -26.56 13.70
C ASP B 441 -0.29 -25.34 14.61
N GLU B 442 -0.66 -24.18 14.08
CA GLU B 442 -1.03 -22.95 14.78
C GLU B 442 0.15 -22.21 15.40
N ASP B 443 1.37 -22.76 15.39
CA ASP B 443 2.52 -22.07 15.96
C ASP B 443 3.61 -21.75 14.94
N LYS B 444 3.66 -22.46 13.81
CA LYS B 444 4.64 -22.12 12.78
C LYS B 444 4.00 -22.09 11.38
N MET B 445 2.69 -21.86 11.30
CA MET B 445 1.99 -21.55 10.06
C MET B 445 2.13 -22.67 9.03
N GLN B 446 1.59 -23.84 9.39
CA GLN B 446 1.47 -24.96 8.45
C GLN B 446 0.46 -25.94 8.99
N CYS B 447 0.05 -26.87 8.14
CA CYS B 447 -0.90 -27.91 8.49
C CYS B 447 -0.14 -29.21 8.76
N VAL B 448 -0.49 -29.87 9.87
CA VAL B 448 0.16 -31.11 10.27
C VAL B 448 -0.90 -32.18 10.45
N ALA B 449 -0.44 -33.43 10.45
CA ALA B 449 -1.37 -34.56 10.60
C ALA B 449 -1.98 -34.57 12.00
N THR B 450 -1.13 -34.48 13.03
CA THR B 450 -1.62 -34.48 14.41
C THR B 450 -0.55 -33.85 15.31
N CYS B 451 -1.01 -33.36 16.46
CA CYS B 451 -0.14 -32.75 17.44
C CYS B 451 -0.64 -33.10 18.84
N PRO B 452 0.27 -33.27 19.81
CA PRO B 452 -0.11 -33.60 21.18
C PRO B 452 -0.94 -32.49 21.84
CA CA C . 27.20 10.21 -25.55
CA CA D . -25.30 5.63 28.70
#